data_1OX5
#
_entry.id   1OX5
#
_cell.length_a   98.800
_cell.length_b   111.500
_cell.length_c   117.200
_cell.angle_alpha   90.00
_cell.angle_beta   90.00
_cell.angle_gamma   90.00
#
_symmetry.space_group_name_H-M   'P 21 21 21'
#
loop_
_entity.id
_entity.type
_entity.pdbx_description
1 polymer 'Imidazole glycerol phosphate synthase hisHF'
2 non-polymer 'NICKEL (II) ION'
3 non-polymer 'PHOSPHORIC ACID MONO-[5-({[5-CARBAMOYL-3-(5-PHOSPHONOOXY-5-DEOXY-RIBOFURANOSYL)- 3H-IMIDAZOL-4-YLAMINO]-METHYL}-AMINO)-2,3,4-TRIHYDROXY-PENTYL] ESTER'
4 water water
#
_entity_poly.entity_id   1
_entity_poly.type   'polypeptide(L)'
_entity_poly.pdbx_seq_one_letter_code
;GSHMPVVHVIDVESGNLQSLTNAIEHLGYEVQLVKSPKDFNISGTSRLILPGVGNYGHFVDNLFNRGFEKPIREYIESGK
PIMGI(5CS)VGLQALFAGSVESPKSTGLNYIDFKLSRFDDSEKPVPEIGWNSCIPSENLFFGLDPYKRYYFVHSFAAIL
NSEKKKNLENDGWKIAKAKYGSEEFIAAVNKNNIFATQFHPEKSGKAGLNVIENFLKQQSPPIPNYSAEEKELLMNDYSN
YGLTRRIIACLDVRTNDQGDLVVTKGDQYDVREKSDGKGVRNLGKPVQLAQKYYQQGADEVTFLNITSFRDCPLKDTPML
EVLKQAAKTVFVPLTVGGGIKDIVDVDGTKIPALEVASLYFRSGADKVSIGTDAVYAAEKYYELGNRGDGTSPIETISKA
YGAQAVVISVDPKRVYVNSQADTKNKVFETEYPGPNGEKYCWYQCTIKGGRESRDLGVWELTRACEALGAGEILLNCIDK
DGSNSGYDLELIEHVKDAVKIPVIASSGAGVPEHFEEAFLKTRADACLGAGMFHRGEFTVNDVKEYLLEHGLKVRMDEE
;
_entity_poly.pdbx_strand_id   A,B
#
# COMPACT_ATOMS: atom_id res chain seq x y z
N GLY A 1 -5.31 0.62 -12.13
CA GLY A 1 -5.76 -0.75 -11.97
C GLY A 1 -4.63 -1.63 -11.46
N SER A 2 -3.43 -1.05 -11.45
CA SER A 2 -2.26 -1.73 -11.03
C SER A 2 -1.14 -0.68 -10.88
N HIS A 3 -1.44 0.60 -11.18
CA HIS A 3 -0.38 1.64 -11.05
C HIS A 3 -0.30 2.15 -9.62
N MET A 4 -1.28 1.83 -8.82
CA MET A 4 -1.30 2.19 -7.41
C MET A 4 -1.99 1.06 -6.66
N PRO A 5 -1.74 0.95 -5.34
CA PRO A 5 -2.35 -0.11 -4.52
C PRO A 5 -3.87 0.02 -4.55
N VAL A 6 -4.54 -1.10 -4.80
CA VAL A 6 -5.99 -1.13 -4.86
C VAL A 6 -6.59 -1.51 -3.52
N VAL A 7 -7.60 -0.75 -3.12
CA VAL A 7 -8.32 -0.97 -1.88
C VAL A 7 -9.78 -1.28 -2.23
N HIS A 8 -10.24 -2.45 -1.81
CA HIS A 8 -11.61 -2.89 -2.06
C HIS A 8 -12.53 -2.41 -0.94
N VAL A 9 -13.56 -1.68 -1.34
CA VAL A 9 -14.54 -1.13 -0.40
C VAL A 9 -15.91 -1.75 -0.73
N ILE A 10 -16.48 -2.43 0.25
CA ILE A 10 -17.80 -3.07 0.10
C ILE A 10 -18.86 -1.97 0.16
N ASP A 11 -19.67 -1.93 -0.89
CA ASP A 11 -20.71 -0.92 -1.05
C ASP A 11 -22.10 -1.55 -1.11
N VAL A 12 -22.89 -1.32 -0.07
CA VAL A 12 -24.26 -1.81 0.01
C VAL A 12 -25.18 -0.73 -0.55
N GLU A 13 -24.56 0.23 -1.22
CA GLU A 13 -25.21 1.39 -1.87
C GLU A 13 -26.20 2.16 -0.97
N SER A 14 -25.74 2.42 0.25
CA SER A 14 -26.54 3.15 1.24
C SER A 14 -25.62 4.02 2.11
N GLY A 15 -26.01 5.27 2.30
CA GLY A 15 -25.22 6.18 3.12
C GLY A 15 -24.05 6.87 2.44
N ASN A 16 -23.33 7.68 3.21
CA ASN A 16 -22.18 8.44 2.72
C ASN A 16 -20.94 7.57 2.55
N LEU A 17 -20.54 7.39 1.29
CA LEU A 17 -19.37 6.60 0.96
C LEU A 17 -18.33 7.52 0.31
N GLN A 18 -18.75 8.75 0.00
CA GLN A 18 -17.88 9.76 -0.63
C GLN A 18 -16.62 10.06 0.17
N SER A 19 -16.81 10.33 1.45
CA SER A 19 -15.72 10.65 2.37
C SER A 19 -14.65 9.56 2.47
N LEU A 20 -15.06 8.31 2.59
CA LEU A 20 -14.12 7.19 2.68
C LEU A 20 -13.32 7.04 1.37
N THR A 21 -14.03 7.07 0.24
CA THR A 21 -13.39 6.95 -1.08
C THR A 21 -12.37 8.06 -1.30
N ASN A 22 -12.79 9.30 -1.04
CA ASN A 22 -11.92 10.46 -1.21
C ASN A 22 -10.71 10.41 -0.28
N ALA A 23 -10.93 9.90 0.94
CA ALA A 23 -9.85 9.78 1.94
C ALA A 23 -8.80 8.76 1.48
N ILE A 24 -9.27 7.66 0.88
CA ILE A 24 -8.38 6.61 0.39
C ILE A 24 -7.57 7.10 -0.82
N GLU A 25 -8.24 7.78 -1.76
CA GLU A 25 -7.59 8.32 -2.96
C GLU A 25 -6.59 9.40 -2.57
N HIS A 26 -6.96 10.20 -1.56
CA HIS A 26 -6.13 11.29 -1.04
C HIS A 26 -4.84 10.71 -0.45
N LEU A 27 -4.90 9.44 -0.04
CA LEU A 27 -3.75 8.76 0.54
C LEU A 27 -2.90 8.08 -0.54
N GLY A 28 -3.33 8.19 -1.79
CA GLY A 28 -2.60 7.63 -2.91
C GLY A 28 -2.98 6.23 -3.34
N TYR A 29 -4.21 5.82 -3.02
CA TYR A 29 -4.71 4.50 -3.38
C TYR A 29 -5.88 4.60 -4.35
N GLU A 30 -6.19 3.49 -5.01
CA GLU A 30 -7.30 3.42 -5.96
C GLU A 30 -8.39 2.65 -5.24
N VAL A 31 -9.63 3.12 -5.40
CA VAL A 31 -10.77 2.47 -4.78
C VAL A 31 -11.55 1.63 -5.78
N GLN A 32 -11.87 0.42 -5.36
CA GLN A 32 -12.65 -0.51 -6.17
C GLN A 32 -13.88 -0.84 -5.33
N LEU A 33 -15.04 -0.37 -5.79
CA LEU A 33 -16.30 -0.61 -5.09
C LEU A 33 -16.80 -2.02 -5.38
N VAL A 34 -17.18 -2.72 -4.31
CA VAL A 34 -17.69 -4.08 -4.41
C VAL A 34 -19.14 -4.04 -3.94
N LYS A 35 -20.06 -4.02 -4.91
CA LYS A 35 -21.49 -3.96 -4.66
C LYS A 35 -22.09 -5.36 -4.60
N SER A 36 -21.35 -6.32 -5.14
CA SER A 36 -21.76 -7.72 -5.20
C SER A 36 -20.56 -8.63 -5.00
N PRO A 37 -20.78 -9.85 -4.46
CA PRO A 37 -19.74 -10.85 -4.20
C PRO A 37 -19.01 -11.24 -5.49
N LYS A 38 -19.63 -10.91 -6.63
CA LYS A 38 -19.08 -11.19 -7.96
C LYS A 38 -18.01 -10.18 -8.36
N ASP A 39 -18.00 -9.02 -7.70
CA ASP A 39 -17.06 -7.94 -8.00
C ASP A 39 -15.66 -8.06 -7.38
N PHE A 40 -15.42 -9.14 -6.64
CA PHE A 40 -14.10 -9.36 -6.03
C PHE A 40 -13.82 -10.81 -5.71
N ASN A 41 -12.54 -11.19 -5.85
CA ASN A 41 -12.09 -12.54 -5.52
C ASN A 41 -11.07 -12.38 -4.40
N ILE A 42 -10.93 -13.41 -3.57
CA ILE A 42 -10.02 -13.38 -2.42
C ILE A 42 -8.56 -13.11 -2.78
N SER A 43 -8.02 -13.88 -3.72
CA SER A 43 -6.62 -13.74 -4.13
C SER A 43 -6.28 -12.40 -4.78
N GLY A 44 -7.30 -11.75 -5.37
CA GLY A 44 -7.08 -10.46 -6.02
C GLY A 44 -7.36 -9.24 -5.14
N THR A 45 -7.57 -9.47 -3.85
CA THR A 45 -7.84 -8.40 -2.88
C THR A 45 -6.80 -8.42 -1.76
N SER A 46 -6.07 -7.31 -1.60
CA SER A 46 -5.04 -7.20 -0.57
C SER A 46 -5.45 -6.30 0.59
N ARG A 47 -6.42 -5.42 0.34
CA ARG A 47 -6.94 -4.51 1.36
C ARG A 47 -8.46 -4.39 1.22
N LEU A 48 -9.18 -4.88 2.23
CA LEU A 48 -10.65 -4.84 2.23
C LEU A 48 -11.17 -3.95 3.36
N ILE A 49 -12.12 -3.09 3.02
CA ILE A 49 -12.74 -2.20 4.00
C ILE A 49 -14.24 -2.45 4.02
N LEU A 50 -14.76 -2.69 5.22
CA LEU A 50 -16.18 -2.95 5.45
C LEU A 50 -16.79 -1.71 6.14
N PRO A 51 -17.25 -0.72 5.34
CA PRO A 51 -17.85 0.51 5.85
C PRO A 51 -19.32 0.26 6.19
N GLY A 52 -19.73 0.75 7.36
CA GLY A 52 -21.11 0.58 7.77
C GLY A 52 -21.67 1.91 8.23
N VAL A 53 -22.96 2.12 8.00
CA VAL A 53 -23.64 3.35 8.39
C VAL A 53 -25.13 3.10 8.59
N GLY A 54 -25.70 3.77 9.58
CA GLY A 54 -27.11 3.65 9.86
C GLY A 54 -27.49 2.56 10.85
N ASN A 55 -28.73 2.12 10.75
CA ASN A 55 -29.29 1.07 11.60
C ASN A 55 -28.58 -0.27 11.35
N TYR A 56 -28.19 -0.93 12.43
CA TYR A 56 -27.48 -2.21 12.40
C TYR A 56 -28.15 -3.25 11.48
N GLY A 57 -29.43 -3.50 11.71
CA GLY A 57 -30.17 -4.47 10.92
C GLY A 57 -30.29 -4.08 9.45
N HIS A 58 -30.56 -2.80 9.21
CA HIS A 58 -30.69 -2.25 7.85
C HIS A 58 -29.39 -2.50 7.05
N PHE A 59 -28.26 -2.53 7.76
CA PHE A 59 -26.95 -2.76 7.15
C PHE A 59 -26.62 -4.24 7.01
N VAL A 60 -26.60 -4.95 8.13
CA VAL A 60 -26.28 -6.39 8.16
C VAL A 60 -27.20 -7.22 7.25
N ASP A 61 -28.50 -6.89 7.24
CA ASP A 61 -29.47 -7.61 6.40
C ASP A 61 -29.08 -7.43 4.95
N ASN A 62 -28.87 -6.17 4.56
CA ASN A 62 -28.48 -5.80 3.19
C ASN A 62 -27.18 -6.53 2.80
N LEU A 63 -26.20 -6.51 3.70
CA LEU A 63 -24.90 -7.15 3.49
C LEU A 63 -24.99 -8.66 3.27
N PHE A 64 -25.69 -9.34 4.17
CA PHE A 64 -25.86 -10.78 4.08
C PHE A 64 -26.81 -11.19 2.94
N ASN A 65 -27.76 -10.30 2.63
CA ASN A 65 -28.75 -10.53 1.56
C ASN A 65 -28.03 -10.65 0.22
N ARG A 66 -26.98 -9.86 0.06
CA ARG A 66 -26.19 -9.82 -1.16
C ARG A 66 -25.22 -10.99 -1.25
N GLY A 67 -25.14 -11.77 -0.17
CA GLY A 67 -24.27 -12.95 -0.13
C GLY A 67 -22.83 -12.69 0.25
N PHE A 68 -22.60 -11.68 1.09
CA PHE A 68 -21.25 -11.30 1.51
C PHE A 68 -20.67 -12.03 2.72
N GLU A 69 -21.50 -12.73 3.50
CA GLU A 69 -21.00 -13.41 4.70
C GLU A 69 -19.82 -14.35 4.48
N LYS A 70 -19.98 -15.34 3.60
CA LYS A 70 -18.92 -16.31 3.32
C LYS A 70 -17.68 -15.67 2.71
N PRO A 71 -17.86 -14.73 1.76
CA PRO A 71 -16.73 -14.05 1.11
C PRO A 71 -15.89 -13.29 2.14
N ILE A 72 -16.56 -12.62 3.07
CA ILE A 72 -15.91 -11.85 4.14
C ILE A 72 -15.14 -12.78 5.08
N ARG A 73 -15.75 -13.91 5.45
CA ARG A 73 -15.12 -14.90 6.33
C ARG A 73 -13.94 -15.57 5.65
N GLU A 74 -14.10 -15.88 4.36
CA GLU A 74 -13.03 -16.49 3.56
C GLU A 74 -11.86 -15.55 3.42
N TYR A 75 -12.16 -14.25 3.35
CA TYR A 75 -11.14 -13.22 3.24
C TYR A 75 -10.40 -13.10 4.57
N ILE A 76 -11.15 -13.10 5.67
CA ILE A 76 -10.57 -13.01 7.01
C ILE A 76 -9.68 -14.24 7.27
N GLU A 77 -10.14 -15.39 6.75
CA GLU A 77 -9.45 -16.69 6.88
C GLU A 77 -8.15 -16.70 6.09
N SER A 78 -8.10 -15.90 5.02
CA SER A 78 -6.91 -15.82 4.17
C SER A 78 -5.76 -15.11 4.87
N GLY A 79 -6.10 -14.46 5.99
CA GLY A 79 -5.11 -13.74 6.78
C GLY A 79 -4.77 -12.34 6.31
N LYS A 80 -5.45 -11.87 5.27
CA LYS A 80 -5.20 -10.53 4.73
C LYS A 80 -6.01 -9.44 5.45
N PRO A 81 -5.46 -8.21 5.52
CA PRO A 81 -6.03 -7.03 6.16
C PRO A 81 -7.46 -6.61 5.82
N ILE A 82 -8.27 -6.45 6.85
CA ILE A 82 -9.66 -6.01 6.72
C ILE A 82 -9.89 -4.91 7.78
N MET A 83 -10.62 -3.87 7.37
CA MET A 83 -10.95 -2.76 8.27
C MET A 83 -12.44 -2.52 8.28
N GLY A 84 -13.03 -2.55 9.47
CA GLY A 84 -14.45 -2.30 9.62
C GLY A 84 -14.64 -0.91 10.18
N ILE A 85 -15.61 -0.17 9.64
CA ILE A 85 -15.90 1.18 10.10
C ILE A 85 -17.37 1.28 10.49
N VAL A 87 -20.77 0.52 11.60
CA VAL A 87 -21.55 -0.72 11.62
C VAL A 87 -20.66 -1.85 11.08
N GLY A 88 -19.50 -1.44 10.53
CA GLY A 88 -18.53 -2.38 9.99
C GLY A 88 -17.82 -3.08 11.15
N LEU A 89 -17.78 -2.40 12.30
CA LEU A 89 -17.19 -2.96 13.51
C LEU A 89 -18.27 -3.73 14.27
N GLN A 90 -19.49 -3.20 14.27
CA GLN A 90 -20.62 -3.82 14.96
C GLN A 90 -20.99 -5.17 14.37
N ALA A 91 -20.77 -5.32 13.07
CA ALA A 91 -21.06 -6.57 12.35
C ALA A 91 -20.21 -7.74 12.84
N LEU A 92 -19.06 -7.43 13.45
CA LEU A 92 -18.13 -8.45 13.97
C LEU A 92 -18.67 -9.11 15.24
N PHE A 93 -19.66 -8.46 15.86
CA PHE A 93 -20.23 -8.96 17.09
C PHE A 93 -21.39 -9.93 16.87
N ALA A 94 -22.01 -10.37 17.96
CA ALA A 94 -23.12 -11.33 17.91
C ALA A 94 -24.37 -10.71 17.32
N GLY A 95 -24.44 -9.38 17.41
CA GLY A 95 -25.57 -8.64 16.89
C GLY A 95 -25.72 -7.35 17.69
N SER A 96 -26.86 -6.68 17.51
CA SER A 96 -27.12 -5.43 18.21
C SER A 96 -28.55 -5.32 18.67
N VAL A 97 -28.75 -4.62 19.79
CA VAL A 97 -30.08 -4.41 20.36
C VAL A 97 -30.89 -3.40 19.51
N GLU A 98 -30.20 -2.76 18.56
CA GLU A 98 -30.81 -1.79 17.65
C GLU A 98 -31.73 -2.56 16.66
N SER A 99 -31.34 -3.80 16.37
CA SER A 99 -32.07 -4.68 15.46
C SER A 99 -31.99 -6.10 16.05
N PRO A 100 -32.82 -6.38 17.08
CA PRO A 100 -32.93 -7.63 17.82
C PRO A 100 -32.81 -8.93 17.01
N LYS A 101 -33.61 -9.03 15.95
CA LYS A 101 -33.63 -10.22 15.10
C LYS A 101 -32.48 -10.38 14.12
N SER A 102 -31.66 -9.34 13.97
CA SER A 102 -30.50 -9.38 13.07
C SER A 102 -29.36 -10.16 13.70
N THR A 103 -28.46 -10.67 12.85
CA THR A 103 -27.32 -11.44 13.31
C THR A 103 -26.02 -10.70 12.99
N GLY A 104 -24.91 -11.27 13.43
CA GLY A 104 -23.61 -10.67 13.16
C GLY A 104 -22.64 -11.76 12.77
N LEU A 105 -21.40 -11.40 12.44
CA LEU A 105 -20.38 -12.37 12.06
C LEU A 105 -19.94 -13.19 13.29
N ASN A 106 -20.34 -12.69 14.46
CA ASN A 106 -20.10 -13.31 15.75
C ASN A 106 -18.61 -13.66 16.08
N TYR A 107 -17.68 -12.78 15.70
CA TYR A 107 -16.26 -13.00 16.01
C TYR A 107 -16.03 -12.65 17.47
N ILE A 108 -16.84 -11.73 17.96
CA ILE A 108 -16.89 -11.31 19.36
C ILE A 108 -18.28 -11.75 19.82
N ASP A 109 -18.36 -12.66 20.81
CA ASP A 109 -19.61 -13.30 21.24
C ASP A 109 -20.58 -12.54 22.15
N PHE A 110 -20.77 -11.25 21.91
CA PHE A 110 -21.78 -10.49 22.68
C PHE A 110 -22.39 -9.41 21.82
N LYS A 111 -23.52 -8.86 22.28
CA LYS A 111 -24.23 -7.86 21.50
C LYS A 111 -24.00 -6.43 21.94
N LEU A 112 -24.16 -5.52 20.98
CA LEU A 112 -24.02 -4.09 21.23
C LEU A 112 -25.30 -3.63 21.90
N SER A 113 -25.16 -2.72 22.87
CA SER A 113 -26.30 -2.20 23.61
C SER A 113 -26.33 -0.69 23.53
N ARG A 114 -27.44 -0.10 23.96
CA ARG A 114 -27.63 1.34 23.92
C ARG A 114 -26.99 2.05 25.12
N PHE A 115 -26.39 3.21 24.87
CA PHE A 115 -25.78 4.01 25.94
C PHE A 115 -26.88 4.41 26.92
N ASP A 116 -26.50 4.58 28.18
CA ASP A 116 -27.41 4.97 29.25
C ASP A 116 -27.74 6.47 29.10
N ASP A 117 -28.99 6.80 28.77
CA ASP A 117 -29.39 8.20 28.58
C ASP A 117 -29.79 8.94 29.87
N SER A 118 -29.70 8.25 31.01
CA SER A 118 -30.05 8.84 32.29
C SER A 118 -29.01 9.85 32.78
N GLU A 119 -27.76 9.63 32.38
CA GLU A 119 -26.64 10.50 32.78
C GLU A 119 -26.09 11.42 31.69
N LYS A 120 -26.36 11.07 30.44
CA LYS A 120 -25.86 11.82 29.29
C LYS A 120 -26.81 11.74 28.11
N PRO A 121 -26.57 12.54 27.06
CA PRO A 121 -27.43 12.52 25.87
C PRO A 121 -27.06 11.31 25.00
N VAL A 122 -28.07 10.69 24.40
CA VAL A 122 -27.88 9.55 23.50
C VAL A 122 -28.64 9.89 22.22
N PRO A 123 -28.02 9.71 21.04
CA PRO A 123 -26.69 9.21 20.69
C PRO A 123 -25.51 10.06 21.16
N GLU A 124 -24.32 9.44 21.16
CA GLU A 124 -23.08 10.15 21.40
C GLU A 124 -22.71 10.76 20.07
N ILE A 125 -22.57 12.08 20.04
CA ILE A 125 -22.22 12.79 18.82
C ILE A 125 -21.08 13.72 19.19
N GLY A 126 -19.89 13.44 18.68
CA GLY A 126 -18.77 14.30 19.01
C GLY A 126 -17.42 13.64 18.98
N TRP A 127 -16.44 14.40 19.44
CA TRP A 127 -15.05 13.98 19.47
C TRP A 127 -14.60 13.46 20.82
N ASN A 128 -14.37 12.15 20.85
CA ASN A 128 -13.93 11.44 22.03
C ASN A 128 -12.54 10.89 21.80
N SER A 129 -11.94 10.36 22.86
CA SER A 129 -10.58 9.83 22.80
C SER A 129 -10.45 8.40 23.27
N CYS A 130 -9.35 7.78 22.86
CA CYS A 130 -9.02 6.42 23.27
C CYS A 130 -8.30 6.52 24.60
N ILE A 131 -8.68 5.67 25.55
CA ILE A 131 -8.05 5.66 26.88
C ILE A 131 -6.64 5.08 26.73
N PRO A 132 -5.63 5.73 27.35
CA PRO A 132 -4.23 5.29 27.30
C PRO A 132 -4.10 3.79 27.63
N SER A 133 -3.35 3.09 26.79
CA SER A 133 -3.11 1.66 26.94
C SER A 133 -1.77 1.25 26.36
N GLU A 134 -1.28 0.09 26.76
CA GLU A 134 0.00 -0.47 26.29
C GLU A 134 -0.24 -1.21 24.98
N ASN A 135 -1.50 -1.61 24.77
CA ASN A 135 -1.91 -2.38 23.59
C ASN A 135 -2.61 -1.61 22.47
N LEU A 136 -2.30 -0.32 22.32
CA LEU A 136 -2.91 0.49 21.26
C LEU A 136 -2.30 0.05 19.93
N PHE A 137 -2.98 0.34 18.84
CA PHE A 137 -2.56 -0.08 17.51
C PHE A 137 -2.91 0.94 16.43
N PHE A 138 -2.35 0.72 15.24
CA PHE A 138 -2.55 1.56 14.06
C PHE A 138 -2.50 3.07 14.29
N GLY A 139 -1.64 3.47 15.21
CA GLY A 139 -1.46 4.88 15.51
C GLY A 139 -2.52 5.57 16.34
N LEU A 140 -3.41 4.81 16.97
CA LEU A 140 -4.46 5.40 17.82
C LEU A 140 -3.77 6.16 18.95
N ASP A 141 -3.93 7.48 18.91
CA ASP A 141 -3.32 8.41 19.84
C ASP A 141 -4.33 8.97 20.85
N PRO A 142 -4.14 8.66 22.15
CA PRO A 142 -4.99 9.09 23.27
C PRO A 142 -5.07 10.62 23.42
N TYR A 143 -4.11 11.33 22.82
CA TYR A 143 -4.04 12.77 22.90
C TYR A 143 -4.60 13.48 21.67
N LYS A 144 -5.32 12.69 20.87
CA LYS A 144 -6.00 13.18 19.67
C LYS A 144 -7.47 12.81 19.82
N ARG A 145 -8.29 13.32 18.92
CA ARG A 145 -9.73 13.08 18.95
C ARG A 145 -10.24 12.46 17.67
N TYR A 146 -11.24 11.59 17.82
CA TYR A 146 -11.87 10.93 16.68
C TYR A 146 -13.35 11.18 16.82
N TYR A 147 -14.05 11.21 15.69
CA TYR A 147 -15.48 11.49 15.66
C TYR A 147 -16.38 10.25 15.81
N PHE A 148 -17.21 10.28 16.85
CA PHE A 148 -18.15 9.21 17.15
C PHE A 148 -19.56 9.75 16.92
N VAL A 149 -20.42 8.90 16.37
CA VAL A 149 -21.81 9.26 16.10
C VAL A 149 -22.61 7.94 16.16
N HIS A 150 -23.06 7.59 17.37
CA HIS A 150 -23.79 6.33 17.62
C HIS A 150 -24.59 6.32 18.92
N SER A 151 -25.65 5.51 18.96
CA SER A 151 -26.49 5.33 20.15
C SER A 151 -26.16 4.00 20.80
N PHE A 152 -25.68 3.07 19.98
CA PHE A 152 -25.31 1.74 20.44
C PHE A 152 -23.81 1.54 20.35
N ALA A 153 -23.27 0.76 21.28
CA ALA A 153 -21.85 0.48 21.36
C ALA A 153 -21.62 -0.81 22.11
N ALA A 154 -20.40 -1.32 22.01
CA ALA A 154 -20.00 -2.54 22.72
C ALA A 154 -19.55 -2.05 24.09
N ILE A 155 -20.50 -1.99 25.03
CA ILE A 155 -20.23 -1.51 26.39
C ILE A 155 -19.55 -2.57 27.22
N LEU A 156 -18.42 -2.15 27.83
CA LEU A 156 -17.57 -3.03 28.62
C LEU A 156 -17.70 -3.02 30.13
N ASN A 157 -17.20 -4.12 30.73
CA ASN A 157 -17.10 -4.32 32.16
C ASN A 157 -15.84 -5.17 32.31
N SER A 158 -15.43 -5.47 33.55
CA SER A 158 -14.23 -6.27 33.78
C SER A 158 -14.25 -7.62 33.06
N GLU A 159 -15.36 -8.35 33.22
CA GLU A 159 -15.54 -9.67 32.63
C GLU A 159 -15.32 -9.69 31.10
N LYS A 160 -16.02 -8.80 30.39
CA LYS A 160 -15.91 -8.71 28.93
C LYS A 160 -14.51 -8.35 28.44
N LYS A 161 -13.88 -7.34 29.03
CA LYS A 161 -12.53 -6.92 28.66
C LYS A 161 -11.52 -8.04 28.83
N LYS A 162 -11.74 -8.86 29.87
CA LYS A 162 -10.86 -9.98 30.18
C LYS A 162 -10.99 -11.14 29.24
N ASN A 163 -12.22 -11.51 28.91
CA ASN A 163 -12.47 -12.61 27.99
C ASN A 163 -11.85 -12.24 26.63
N LEU A 164 -12.09 -11.00 26.19
CA LEU A 164 -11.53 -10.49 24.93
C LEU A 164 -10.00 -10.55 24.96
N GLU A 165 -9.44 -10.21 26.12
CA GLU A 165 -7.99 -10.22 26.36
C GLU A 165 -7.45 -11.65 26.18
N ASN A 166 -8.04 -12.61 26.91
CA ASN A 166 -7.65 -14.01 26.83
C ASN A 166 -7.93 -14.61 25.47
N ASP A 167 -8.87 -13.98 24.74
CA ASP A 167 -9.26 -14.42 23.41
C ASP A 167 -8.27 -13.92 22.35
N GLY A 168 -7.31 -13.09 22.78
CA GLY A 168 -6.32 -12.57 21.86
C GLY A 168 -6.62 -11.23 21.19
N TRP A 169 -7.69 -10.56 21.63
CA TRP A 169 -8.10 -9.27 21.08
C TRP A 169 -7.39 -8.11 21.76
N LYS A 170 -7.03 -7.11 20.96
CA LYS A 170 -6.42 -5.89 21.47
C LYS A 170 -7.60 -4.91 21.42
N ILE A 171 -7.83 -4.22 22.53
CA ILE A 171 -8.97 -3.31 22.64
C ILE A 171 -8.58 -1.87 22.94
N ALA A 172 -9.03 -0.97 22.10
CA ALA A 172 -8.87 0.46 22.26
C ALA A 172 -10.18 0.87 22.92
N LYS A 173 -10.09 1.33 24.16
CA LYS A 173 -11.28 1.72 24.91
C LYS A 173 -11.51 3.22 24.91
N ALA A 174 -12.75 3.59 25.17
CA ALA A 174 -13.18 4.98 25.23
C ALA A 174 -14.27 5.04 26.28
N LYS A 175 -14.47 6.23 26.84
CA LYS A 175 -15.49 6.41 27.85
C LYS A 175 -16.36 7.60 27.51
N TYR A 176 -17.67 7.38 27.59
CA TYR A 176 -18.67 8.40 27.35
C TYR A 176 -19.50 8.39 28.64
N GLY A 177 -19.40 9.47 29.40
CA GLY A 177 -20.09 9.56 30.68
C GLY A 177 -19.36 8.65 31.66
N SER A 178 -20.07 7.67 32.20
CA SER A 178 -19.46 6.73 33.14
C SER A 178 -19.28 5.37 32.47
N GLU A 179 -19.71 5.27 31.22
CA GLU A 179 -19.63 4.01 30.47
C GLU A 179 -18.43 3.85 29.55
N GLU A 180 -17.74 2.73 29.73
CA GLU A 180 -16.59 2.36 28.92
C GLU A 180 -17.08 1.45 27.81
N PHE A 181 -16.58 1.67 26.61
CA PHE A 181 -16.97 0.90 25.44
C PHE A 181 -15.80 0.72 24.49
N ILE A 182 -15.98 -0.15 23.50
CA ILE A 182 -14.94 -0.42 22.50
C ILE A 182 -14.92 0.66 21.41
N ALA A 183 -13.79 1.36 21.33
CA ALA A 183 -13.58 2.41 20.33
C ALA A 183 -12.97 1.75 19.09
N ALA A 184 -12.19 0.69 19.31
CA ALA A 184 -11.54 -0.06 18.24
C ALA A 184 -11.06 -1.41 18.72
N VAL A 185 -11.01 -2.36 17.79
CA VAL A 185 -10.55 -3.71 18.06
C VAL A 185 -9.48 -4.10 17.05
N ASN A 186 -8.64 -5.05 17.44
CA ASN A 186 -7.57 -5.58 16.60
C ASN A 186 -7.14 -6.97 17.06
N LYS A 187 -7.24 -7.93 16.15
CA LYS A 187 -6.82 -9.31 16.40
C LYS A 187 -6.37 -9.81 15.04
N ASN A 188 -5.15 -10.32 14.98
CA ASN A 188 -4.52 -10.82 13.74
C ASN A 188 -4.69 -9.81 12.60
N ASN A 189 -5.43 -10.18 11.56
CA ASN A 189 -5.66 -9.33 10.40
C ASN A 189 -6.93 -8.46 10.47
N ILE A 190 -7.67 -8.57 11.57
CA ILE A 190 -8.90 -7.81 11.75
C ILE A 190 -8.69 -6.50 12.53
N PHE A 191 -9.16 -5.42 11.92
CA PHE A 191 -9.10 -4.08 12.51
C PHE A 191 -10.47 -3.45 12.29
N ALA A 192 -10.97 -2.73 13.29
CA ALA A 192 -12.26 -2.06 13.16
C ALA A 192 -12.36 -0.93 14.17
N THR A 193 -13.04 0.14 13.76
CA THR A 193 -13.22 1.31 14.61
C THR A 193 -14.69 1.66 14.72
N GLN A 194 -15.09 2.05 15.92
CA GLN A 194 -16.45 2.45 16.22
C GLN A 194 -16.65 3.89 15.71
N PHE A 195 -15.56 4.65 15.69
CA PHE A 195 -15.58 6.04 15.20
C PHE A 195 -15.34 6.05 13.70
N HIS A 196 -15.65 7.18 13.05
CA HIS A 196 -15.47 7.35 11.61
C HIS A 196 -14.16 8.07 11.32
N PRO A 197 -13.11 7.33 10.90
CA PRO A 197 -11.80 7.91 10.58
C PRO A 197 -11.86 8.90 9.43
N GLU A 198 -12.72 8.62 8.44
CA GLU A 198 -12.91 9.47 7.26
C GLU A 198 -13.60 10.79 7.64
N LYS A 199 -14.08 10.85 8.89
CA LYS A 199 -14.77 12.03 9.42
C LYS A 199 -13.99 12.63 10.58
N SER A 200 -12.81 12.09 10.85
CA SER A 200 -11.98 12.54 11.96
C SER A 200 -10.79 13.41 11.57
N GLY A 201 -10.90 14.11 10.45
CA GLY A 201 -9.81 14.97 9.98
C GLY A 201 -8.49 14.24 9.79
N LYS A 202 -7.38 14.97 9.91
CA LYS A 202 -6.03 14.43 9.74
C LYS A 202 -5.75 13.22 10.64
N ALA A 203 -6.22 13.29 11.88
CA ALA A 203 -6.03 12.20 12.84
C ALA A 203 -6.70 10.94 12.30
N GLY A 204 -7.84 11.15 11.64
CA GLY A 204 -8.58 10.05 11.05
C GLY A 204 -7.90 9.48 9.82
N LEU A 205 -7.40 10.37 8.95
CA LEU A 205 -6.71 9.96 7.73
C LEU A 205 -5.47 9.13 8.08
N ASN A 206 -4.82 9.47 9.20
CA ASN A 206 -3.65 8.77 9.68
C ASN A 206 -3.98 7.32 10.07
N VAL A 207 -5.15 7.13 10.69
CA VAL A 207 -5.59 5.79 11.10
C VAL A 207 -5.79 4.94 9.84
N ILE A 208 -6.40 5.52 8.81
CA ILE A 208 -6.63 4.82 7.55
C ILE A 208 -5.30 4.48 6.88
N GLU A 209 -4.40 5.47 6.81
CA GLU A 209 -3.07 5.27 6.22
C GLU A 209 -2.30 4.17 6.98
N ASN A 210 -2.41 4.19 8.31
CA ASN A 210 -1.73 3.20 9.14
C ASN A 210 -2.23 1.78 8.87
N PHE A 211 -3.55 1.64 8.65
CA PHE A 211 -4.14 0.33 8.34
C PHE A 211 -3.68 -0.13 6.94
N LEU A 212 -3.76 0.76 5.95
CA LEU A 212 -3.38 0.44 4.56
C LEU A 212 -1.90 0.07 4.42
N LYS A 213 -1.07 0.65 5.26
CA LYS A 213 0.37 0.40 5.27
C LYS A 213 0.74 -0.58 6.37
N GLN A 214 -0.28 -1.13 7.04
CA GLN A 214 -0.12 -2.09 8.13
C GLN A 214 1.02 -1.72 9.09
N GLN A 215 0.83 -0.60 9.79
CA GLN A 215 1.81 -0.11 10.75
C GLN A 215 1.16 0.49 11.99
N SER A 216 1.83 0.33 13.11
CA SER A 216 1.38 0.84 14.39
C SER A 216 2.49 1.75 14.92
N PRO A 217 2.64 2.94 14.32
CA PRO A 217 3.68 3.91 14.74
C PRO A 217 3.49 4.31 16.20
N PRO A 218 4.59 4.72 16.87
CA PRO A 218 4.52 5.13 18.28
C PRO A 218 3.85 6.50 18.36
N ILE A 219 3.19 6.78 19.47
CA ILE A 219 2.54 8.08 19.65
C ILE A 219 3.63 9.13 19.87
N PRO A 220 3.48 10.33 19.29
CA PRO A 220 4.45 11.43 19.42
C PRO A 220 4.94 11.61 20.86
N ASN A 221 6.18 12.06 21.01
CA ASN A 221 6.77 12.25 22.33
C ASN A 221 6.30 13.59 22.92
N TYR A 222 5.09 13.57 23.49
CA TYR A 222 4.49 14.75 24.11
C TYR A 222 5.14 15.03 25.45
N SER A 223 5.16 16.31 25.81
CA SER A 223 5.73 16.76 27.09
C SER A 223 4.63 16.66 28.14
N ALA A 224 5.01 16.72 29.41
CA ALA A 224 4.05 16.64 30.52
C ALA A 224 3.06 17.81 30.47
N GLU A 225 3.43 18.84 29.72
CA GLU A 225 2.65 20.06 29.55
C GLU A 225 1.60 19.86 28.45
N GLU A 226 2.02 19.18 27.37
CA GLU A 226 1.16 18.90 26.23
C GLU A 226 0.10 17.86 26.58
N LYS A 227 0.51 16.82 27.29
CA LYS A 227 -0.38 15.74 27.73
C LYS A 227 -1.50 16.24 28.63
N GLU A 228 -1.12 17.03 29.63
CA GLU A 228 -2.05 17.62 30.60
C GLU A 228 -3.09 18.53 29.92
N LEU A 229 -2.72 19.08 28.77
CA LEU A 229 -3.58 19.96 27.99
C LEU A 229 -4.50 19.17 27.04
N LEU A 230 -3.92 18.16 26.39
CA LEU A 230 -4.63 17.32 25.42
C LEU A 230 -5.40 16.14 25.98
N MET A 231 -5.14 15.75 27.24
CA MET A 231 -5.82 14.62 27.87
C MET A 231 -7.30 14.90 28.04
N ASN A 232 -8.10 13.82 28.07
CA ASN A 232 -9.54 13.91 28.26
C ASN A 232 -9.77 14.00 29.77
N ASP A 233 -10.41 15.08 30.22
CA ASP A 233 -10.70 15.29 31.64
C ASP A 233 -12.12 14.79 31.98
N TYR A 234 -12.83 14.35 30.96
CA TYR A 234 -14.22 13.81 31.04
C TYR A 234 -15.26 14.83 31.47
N SER A 235 -14.97 16.08 31.16
CA SER A 235 -15.89 17.18 31.30
C SER A 235 -16.75 17.05 30.03
N ASN A 236 -17.99 17.50 30.03
CA ASN A 236 -18.89 17.33 28.86
C ASN A 236 -18.90 15.86 28.41
N TYR A 237 -18.95 14.96 29.40
CA TYR A 237 -18.99 13.50 29.23
C TYR A 237 -17.82 12.83 28.51
N GLY A 238 -16.78 13.60 28.21
CA GLY A 238 -15.63 13.06 27.50
C GLY A 238 -15.54 13.60 26.08
N LEU A 239 -16.56 14.35 25.67
CA LEU A 239 -16.61 14.95 24.34
C LEU A 239 -16.05 16.35 24.42
N THR A 240 -15.34 16.76 23.37
CA THR A 240 -14.77 18.11 23.30
C THR A 240 -15.92 19.08 23.09
N ARG A 241 -15.64 20.38 23.26
CA ARG A 241 -16.64 21.41 23.02
C ARG A 241 -16.70 21.56 21.51
N ARG A 242 -17.79 21.03 20.94
CA ARG A 242 -18.04 21.00 19.49
C ARG A 242 -18.41 22.36 18.88
N ILE A 243 -17.57 22.83 17.96
CA ILE A 243 -17.78 24.10 17.27
C ILE A 243 -18.22 23.83 15.84
N ILE A 244 -19.46 24.22 15.54
CA ILE A 244 -20.05 24.02 14.21
C ILE A 244 -20.10 25.31 13.41
N ALA A 245 -19.65 25.23 12.16
CA ALA A 245 -19.65 26.36 11.23
C ALA A 245 -20.81 26.10 10.27
N CYS A 246 -21.66 27.10 10.10
CA CYS A 246 -22.84 27.00 9.24
C CYS A 246 -22.87 28.08 8.16
N LEU A 247 -23.38 27.72 6.98
CA LEU A 247 -23.50 28.66 5.87
C LEU A 247 -24.79 28.46 5.10
N ASP A 248 -25.38 29.57 4.66
CA ASP A 248 -26.62 29.53 3.87
C ASP A 248 -26.22 29.36 2.41
N VAL A 249 -27.08 28.70 1.65
CA VAL A 249 -26.84 28.48 0.22
C VAL A 249 -28.08 29.02 -0.51
N ARG A 250 -27.87 30.11 -1.22
CA ARG A 250 -28.93 30.79 -1.98
C ARG A 250 -28.58 30.85 -3.45
N THR A 251 -29.61 31.10 -4.27
CA THR A 251 -29.47 31.23 -5.71
C THR A 251 -29.76 32.68 -6.06
N ASN A 252 -28.81 33.34 -6.73
CA ASN A 252 -28.97 34.75 -7.12
C ASN A 252 -29.75 34.89 -8.42
N ASP A 253 -29.52 36.00 -9.13
CA ASP A 253 -30.18 36.31 -10.40
C ASP A 253 -29.78 35.38 -11.55
N GLN A 254 -28.47 35.24 -11.76
CA GLN A 254 -27.95 34.38 -12.84
C GLN A 254 -28.28 32.91 -12.61
N GLY A 255 -28.47 32.55 -11.34
CA GLY A 255 -28.79 31.17 -10.98
C GLY A 255 -27.67 30.50 -10.22
N ASP A 256 -26.56 31.24 -10.03
CA ASP A 256 -25.38 30.76 -9.33
C ASP A 256 -25.58 30.68 -7.81
N LEU A 257 -24.80 29.81 -7.16
CA LEU A 257 -24.88 29.61 -5.71
C LEU A 257 -23.94 30.54 -4.94
N VAL A 258 -24.52 31.23 -3.96
CA VAL A 258 -23.80 32.17 -3.09
C VAL A 258 -24.23 31.99 -1.64
N VAL A 259 -23.43 32.53 -0.71
CA VAL A 259 -23.70 32.44 0.72
C VAL A 259 -24.24 33.78 1.23
N THR A 260 -24.07 34.80 0.40
CA THR A 260 -24.55 36.15 0.71
C THR A 260 -25.59 36.55 -0.34
N LYS A 261 -26.76 36.99 0.13
CA LYS A 261 -27.88 37.44 -0.71
C LYS A 261 -27.42 38.42 -1.82
N LEU A 279 -21.01 27.47 -8.52
CA LEU A 279 -21.44 26.94 -7.24
C LEU A 279 -20.22 26.74 -6.31
N GLY A 280 -19.15 27.50 -6.59
CA GLY A 280 -17.93 27.38 -5.82
C GLY A 280 -17.80 28.12 -4.50
N LYS A 281 -18.58 29.19 -4.30
CA LYS A 281 -18.51 29.97 -3.06
C LYS A 281 -18.84 29.17 -1.78
N PRO A 282 -19.94 28.37 -1.78
CA PRO A 282 -20.31 27.58 -0.62
C PRO A 282 -19.30 26.44 -0.41
N VAL A 283 -18.74 25.94 -1.52
CA VAL A 283 -17.75 24.88 -1.50
C VAL A 283 -16.44 25.36 -0.87
N GLN A 284 -15.93 26.48 -1.39
CA GLN A 284 -14.68 27.09 -0.92
C GLN A 284 -14.74 27.57 0.52
N LEU A 285 -15.92 28.07 0.94
CA LEU A 285 -16.10 28.56 2.31
C LEU A 285 -16.09 27.36 3.26
N ALA A 286 -16.68 26.24 2.82
CA ALA A 286 -16.74 25.02 3.60
C ALA A 286 -15.31 24.48 3.81
N GLN A 287 -14.49 24.56 2.75
CA GLN A 287 -13.09 24.11 2.79
C GLN A 287 -12.29 24.98 3.73
N LYS A 288 -12.58 26.28 3.70
CA LYS A 288 -11.92 27.27 4.55
C LYS A 288 -12.27 26.97 6.02
N TYR A 289 -13.55 26.72 6.29
CA TYR A 289 -14.03 26.41 7.64
C TYR A 289 -13.34 25.16 8.19
N TYR A 290 -13.14 24.18 7.30
CA TYR A 290 -12.47 22.92 7.66
C TYR A 290 -11.00 23.16 7.96
N GLN A 291 -10.35 23.94 7.11
CA GLN A 291 -8.93 24.28 7.25
C GLN A 291 -8.67 25.13 8.50
N GLN A 292 -9.70 25.86 8.96
CA GLN A 292 -9.57 26.75 10.10
C GLN A 292 -10.12 26.11 11.37
N GLY A 293 -10.30 24.81 11.44
CA GLY A 293 -10.68 24.15 12.70
C GLY A 293 -12.14 23.67 12.92
N ALA A 294 -13.10 23.95 12.02
CA ALA A 294 -14.48 23.52 12.19
C ALA A 294 -14.63 22.02 12.48
N ASP A 295 -15.41 21.68 13.51
CA ASP A 295 -15.62 20.29 13.87
C ASP A 295 -16.71 19.67 13.01
N GLU A 296 -17.51 20.55 12.41
CA GLU A 296 -18.64 20.18 11.59
C GLU A 296 -18.98 21.36 10.68
N VAL A 297 -19.55 21.06 9.52
CA VAL A 297 -19.97 22.10 8.59
C VAL A 297 -21.42 21.82 8.21
N THR A 298 -22.28 22.79 8.50
CA THR A 298 -23.71 22.69 8.20
C THR A 298 -24.07 23.59 7.02
N PHE A 299 -24.81 23.02 6.06
CA PHE A 299 -25.26 23.75 4.88
C PHE A 299 -26.77 23.93 4.97
N LEU A 300 -27.23 25.19 4.97
CA LEU A 300 -28.66 25.47 5.00
C LEU A 300 -29.09 25.83 3.57
N ASN A 301 -29.78 24.87 2.93
CA ASN A 301 -30.23 25.02 1.54
C ASN A 301 -31.47 25.79 1.41
N ILE A 302 -31.35 26.79 0.61
CA ILE A 302 -32.43 27.68 0.50
C ILE A 302 -32.54 28.19 -0.88
N THR A 303 -32.09 27.38 -1.75
CA THR A 303 -32.18 27.77 -3.12
C THR A 303 -33.59 27.41 -3.63
N CYS A 308 -36.33 22.37 -11.50
CA CYS A 308 -35.10 21.59 -11.39
C CYS A 308 -35.37 20.22 -10.76
N PRO A 309 -35.02 19.14 -11.47
CA PRO A 309 -35.20 17.74 -11.02
C PRO A 309 -34.35 17.43 -9.78
N LEU A 310 -34.82 16.49 -8.96
CA LEU A 310 -34.14 16.08 -7.74
C LEU A 310 -32.70 15.63 -7.97
N LYS A 311 -32.49 14.82 -9.01
CA LYS A 311 -31.17 14.30 -9.37
C LYS A 311 -30.14 15.40 -9.71
N ASP A 312 -30.65 16.51 -10.23
CA ASP A 312 -29.81 17.64 -10.65
C ASP A 312 -29.74 18.82 -9.68
N THR A 313 -30.21 18.62 -8.44
CA THR A 313 -30.21 19.66 -7.41
C THR A 313 -28.77 20.15 -7.14
N PRO A 314 -28.53 21.46 -7.33
CA PRO A 314 -27.24 22.14 -7.13
C PRO A 314 -26.54 21.82 -5.79
N MET A 315 -27.33 21.73 -4.71
CA MET A 315 -26.82 21.46 -3.36
C MET A 315 -26.11 20.10 -3.27
N LEU A 316 -26.58 19.12 -4.05
CA LEU A 316 -25.99 17.78 -4.07
C LEU A 316 -24.55 17.80 -4.58
N GLU A 317 -24.32 18.67 -5.57
CA GLU A 317 -23.01 18.83 -6.18
C GLU A 317 -22.05 19.58 -5.23
N VAL A 318 -22.62 20.43 -4.37
CA VAL A 318 -21.84 21.20 -3.39
C VAL A 318 -21.27 20.22 -2.36
N LEU A 319 -22.12 19.27 -1.94
CA LEU A 319 -21.76 18.23 -0.99
C LEU A 319 -20.65 17.37 -1.59
N LYS A 320 -20.84 16.93 -2.84
CA LYS A 320 -19.85 16.11 -3.57
C LYS A 320 -18.48 16.78 -3.62
N GLN A 321 -18.46 18.07 -3.95
CA GLN A 321 -17.22 18.85 -4.05
C GLN A 321 -16.57 19.10 -2.70
N ALA A 322 -17.39 19.44 -1.70
CA ALA A 322 -16.91 19.70 -0.34
C ALA A 322 -16.34 18.43 0.26
N ALA A 323 -17.02 17.31 -0.02
CA ALA A 323 -16.63 15.98 0.48
C ALA A 323 -15.30 15.45 -0.04
N LYS A 324 -14.68 16.18 -0.96
CA LYS A 324 -13.40 15.76 -1.54
C LYS A 324 -12.22 16.12 -0.65
N THR A 325 -12.37 17.21 0.12
CA THR A 325 -11.32 17.67 1.01
C THR A 325 -11.74 17.89 2.46
N VAL A 326 -13.04 18.04 2.69
CA VAL A 326 -13.54 18.27 4.05
C VAL A 326 -13.82 16.95 4.76
N PHE A 327 -12.89 16.56 5.64
CA PHE A 327 -12.97 15.32 6.39
C PHE A 327 -13.51 15.46 7.82
N VAL A 328 -14.69 16.08 7.92
CA VAL A 328 -15.43 16.24 9.15
C VAL A 328 -16.89 16.08 8.72
N PRO A 329 -17.81 15.76 9.65
CA PRO A 329 -19.21 15.58 9.29
C PRO A 329 -19.87 16.80 8.62
N LEU A 330 -20.73 16.52 7.66
CA LEU A 330 -21.46 17.55 6.92
C LEU A 330 -22.95 17.36 7.11
N THR A 331 -23.62 18.46 7.45
CA THR A 331 -25.06 18.45 7.67
C THR A 331 -25.70 19.31 6.60
N VAL A 332 -26.84 18.84 6.10
CA VAL A 332 -27.58 19.58 5.08
C VAL A 332 -29.04 19.70 5.50
N GLY A 333 -29.58 20.90 5.37
CA GLY A 333 -30.96 21.13 5.74
C GLY A 333 -31.64 21.96 4.66
N GLY A 334 -32.95 21.78 4.52
CA GLY A 334 -33.69 22.54 3.54
C GLY A 334 -34.40 21.70 2.50
N GLY A 335 -35.71 21.58 2.66
CA GLY A 335 -36.51 20.82 1.70
C GLY A 335 -36.47 19.31 1.86
N ILE A 336 -36.09 18.82 3.04
CA ILE A 336 -36.06 17.39 3.30
C ILE A 336 -37.46 17.01 3.79
N LYS A 337 -38.24 16.44 2.86
CA LYS A 337 -39.62 16.02 3.10
C LYS A 337 -40.07 15.19 1.90
N ASP A 338 -41.33 14.79 1.89
CA ASP A 338 -41.92 14.04 0.78
C ASP A 338 -42.12 15.08 -0.32
N ILE A 339 -41.58 14.81 -1.52
CA ILE A 339 -41.70 15.74 -2.63
C ILE A 339 -42.32 15.12 -3.89
N VAL A 340 -42.65 16.00 -4.83
CA VAL A 340 -43.19 15.64 -6.12
C VAL A 340 -42.16 16.24 -7.06
N ASP A 341 -41.34 15.37 -7.64
CA ASP A 341 -40.27 15.76 -8.56
C ASP A 341 -40.85 16.47 -9.79
N VAL A 342 -39.97 17.03 -10.62
CA VAL A 342 -40.36 17.74 -11.84
C VAL A 342 -41.21 16.86 -12.79
N ASP A 343 -40.95 15.55 -12.77
CA ASP A 343 -41.68 14.61 -13.64
C ASP A 343 -42.97 14.08 -12.99
N GLY A 344 -43.28 14.56 -11.79
CA GLY A 344 -44.49 14.14 -11.10
C GLY A 344 -44.34 12.97 -10.15
N THR A 345 -43.21 12.26 -10.24
CA THR A 345 -42.91 11.09 -9.39
C THR A 345 -42.95 11.46 -7.91
N LYS A 346 -43.66 10.65 -7.13
CA LYS A 346 -43.76 10.85 -5.68
C LYS A 346 -42.55 10.21 -5.00
N ILE A 347 -41.66 11.08 -4.50
CA ILE A 347 -40.44 10.66 -3.82
C ILE A 347 -40.58 10.95 -2.33
N PRO A 348 -40.64 9.89 -1.49
CA PRO A 348 -40.75 10.03 -0.04
C PRO A 348 -39.46 10.61 0.57
N ALA A 349 -39.60 11.33 1.69
CA ALA A 349 -38.47 11.96 2.37
C ALA A 349 -37.25 11.06 2.57
N LEU A 350 -37.49 9.76 2.76
CA LEU A 350 -36.42 8.78 2.95
C LEU A 350 -35.48 8.71 1.75
N GLU A 351 -36.06 8.75 0.56
CA GLU A 351 -35.29 8.69 -0.69
C GLU A 351 -34.55 9.99 -0.98
N VAL A 352 -35.11 11.11 -0.51
CA VAL A 352 -34.50 12.43 -0.67
C VAL A 352 -33.23 12.47 0.18
N ALA A 353 -33.36 12.03 1.44
CA ALA A 353 -32.25 11.99 2.39
C ALA A 353 -31.15 11.05 1.91
N SER A 354 -31.56 9.90 1.34
CA SER A 354 -30.61 8.90 0.82
C SER A 354 -29.78 9.50 -0.29
N LEU A 355 -30.41 10.31 -1.14
CA LEU A 355 -29.71 10.96 -2.25
C LEU A 355 -28.65 11.92 -1.71
N TYR A 356 -29.01 12.71 -0.68
CA TYR A 356 -28.08 13.66 -0.06
C TYR A 356 -26.93 12.95 0.65
N PHE A 357 -27.24 11.82 1.28
CA PHE A 357 -26.24 11.02 2.00
C PHE A 357 -25.18 10.48 1.06
N ARG A 358 -25.63 9.86 -0.04
CA ARG A 358 -24.73 9.30 -1.06
C ARG A 358 -23.94 10.38 -1.79
N SER A 359 -24.38 11.63 -1.61
CA SER A 359 -23.73 12.78 -2.23
C SER A 359 -22.68 13.43 -1.33
N GLY A 360 -22.62 13.01 -0.06
CA GLY A 360 -21.62 13.57 0.84
C GLY A 360 -22.12 14.00 2.21
N ALA A 361 -23.44 14.12 2.37
CA ALA A 361 -24.05 14.53 3.65
C ALA A 361 -24.02 13.37 4.64
N ASP A 362 -23.84 13.71 5.92
CA ASP A 362 -23.80 12.72 7.00
C ASP A 362 -25.05 12.77 7.85
N LYS A 363 -25.69 13.93 7.85
CA LYS A 363 -26.92 14.18 8.59
C LYS A 363 -27.79 15.13 7.80
N VAL A 364 -29.11 15.01 7.97
CA VAL A 364 -30.06 15.89 7.31
C VAL A 364 -30.79 16.64 8.40
N SER A 365 -31.11 17.90 8.13
CA SER A 365 -31.81 18.73 9.08
C SER A 365 -33.26 18.90 8.61
N ILE A 366 -34.20 18.74 9.53
CA ILE A 366 -35.63 18.87 9.25
C ILE A 366 -36.19 20.05 10.05
N GLY A 367 -36.80 21.01 9.35
CA GLY A 367 -37.37 22.18 9.99
C GLY A 367 -38.88 22.17 9.95
N THR A 368 -39.42 22.67 8.83
CA THR A 368 -40.87 22.76 8.58
C THR A 368 -41.64 21.46 8.82
N ASP A 369 -41.17 20.36 8.23
CA ASP A 369 -41.83 19.07 8.37
C ASP A 369 -41.79 18.50 9.79
N ALA A 370 -40.87 19.03 10.60
CA ALA A 370 -40.70 18.60 11.99
C ALA A 370 -41.84 19.12 12.86
N VAL A 371 -42.30 20.33 12.54
CA VAL A 371 -43.39 20.96 13.27
C VAL A 371 -44.70 20.24 12.93
N TYR A 372 -44.87 19.88 11.66
CA TYR A 372 -46.06 19.18 11.16
C TYR A 372 -46.18 17.81 11.82
N ALA A 373 -45.07 17.06 11.79
CA ALA A 373 -45.00 15.72 12.36
C ALA A 373 -45.28 15.73 13.86
N ALA A 374 -44.81 16.78 14.52
CA ALA A 374 -45.00 16.94 15.97
C ALA A 374 -46.46 17.22 16.32
N GLU A 375 -47.13 18.04 15.49
CA GLU A 375 -48.54 18.38 15.70
C GLU A 375 -49.38 17.13 15.50
N LYS A 376 -49.05 16.37 14.46
CA LYS A 376 -49.74 15.13 14.12
C LYS A 376 -49.57 14.13 15.26
N TYR A 377 -48.35 14.07 15.81
CA TYR A 377 -47.98 13.19 16.92
C TYR A 377 -48.90 13.36 18.13
N TYR A 378 -49.20 14.61 18.48
CA TYR A 378 -50.06 14.91 19.64
C TYR A 378 -51.55 14.62 19.39
N GLU A 379 -51.94 14.66 18.12
CA GLU A 379 -53.32 14.39 17.72
C GLU A 379 -53.62 12.89 17.81
N LEU A 380 -52.61 12.08 17.48
CA LEU A 380 -52.71 10.62 17.49
C LEU A 380 -52.56 10.05 18.90
N GLY A 381 -52.47 10.94 19.89
CA GLY A 381 -52.34 10.51 21.27
C GLY A 381 -50.93 10.14 21.67
N ASN A 382 -49.98 10.97 21.24
CA ASN A 382 -48.54 10.81 21.48
C ASN A 382 -47.94 9.56 20.83
N ARG A 383 -48.24 9.37 19.55
CA ARG A 383 -47.72 8.24 18.76
C ARG A 383 -47.53 8.70 17.35
N GLY A 384 -46.68 7.98 16.62
CA GLY A 384 -46.46 8.30 15.22
C GLY A 384 -47.10 7.24 14.37
N ASP A 385 -47.34 7.55 13.09
CA ASP A 385 -47.93 6.60 12.16
C ASP A 385 -46.83 5.97 11.29
N GLY A 386 -45.58 6.31 11.62
CA GLY A 386 -44.42 5.78 10.91
C GLY A 386 -44.20 6.32 9.50
N THR A 387 -44.85 7.42 9.15
CA THR A 387 -44.73 7.99 7.81
C THR A 387 -43.96 9.31 7.70
N SER A 388 -43.67 9.94 8.85
CA SER A 388 -42.95 11.22 8.85
C SER A 388 -41.46 11.04 8.53
N PRO A 389 -40.81 12.06 7.91
CA PRO A 389 -39.40 12.04 7.54
C PRO A 389 -38.55 11.62 8.73
N ILE A 390 -38.89 12.14 9.91
CA ILE A 390 -38.17 11.83 11.15
C ILE A 390 -38.18 10.32 11.42
N GLU A 391 -39.36 9.70 11.29
CA GLU A 391 -39.52 8.26 11.53
C GLU A 391 -38.84 7.35 10.51
N THR A 392 -39.07 7.60 9.22
CA THR A 392 -38.49 6.77 8.15
C THR A 392 -36.98 6.88 8.00
N ILE A 393 -36.45 8.09 8.13
CA ILE A 393 -35.01 8.33 8.01
C ILE A 393 -34.25 7.76 9.19
N SER A 394 -34.78 7.93 10.40
CA SER A 394 -34.12 7.41 11.60
C SER A 394 -34.17 5.89 11.73
N LYS A 395 -35.18 5.25 11.14
CA LYS A 395 -35.30 3.79 11.20
C LYS A 395 -34.33 3.14 10.22
N ALA A 396 -34.01 3.87 9.15
CA ALA A 396 -33.08 3.39 8.14
C ALA A 396 -31.62 3.74 8.46
N TYR A 397 -31.39 5.01 8.84
CA TYR A 397 -30.04 5.48 9.13
C TYR A 397 -29.71 5.74 10.59
N GLY A 398 -30.69 5.54 11.47
CA GLY A 398 -30.46 5.75 12.89
C GLY A 398 -30.78 7.18 13.29
N ALA A 399 -31.02 7.40 14.59
CA ALA A 399 -31.33 8.71 15.14
C ALA A 399 -30.23 9.75 14.87
N GLN A 400 -28.97 9.30 14.89
CA GLN A 400 -27.79 10.15 14.67
C GLN A 400 -27.77 10.81 13.30
N ALA A 401 -28.65 10.36 12.40
CA ALA A 401 -28.71 10.91 11.05
C ALA A 401 -29.78 12.00 10.90
N VAL A 402 -30.60 12.18 11.93
CA VAL A 402 -31.68 13.17 11.91
C VAL A 402 -31.51 14.32 12.90
N VAL A 403 -31.50 15.53 12.36
CA VAL A 403 -31.37 16.76 13.15
C VAL A 403 -32.65 17.55 12.98
N ILE A 404 -33.15 18.11 14.09
CA ILE A 404 -34.36 18.92 14.04
C ILE A 404 -33.95 20.38 14.15
N SER A 405 -34.28 21.15 13.12
CA SER A 405 -33.98 22.57 13.08
C SER A 405 -35.17 23.31 13.69
N VAL A 406 -34.96 23.85 14.88
CA VAL A 406 -35.97 24.59 15.63
C VAL A 406 -35.76 26.08 15.45
N ASP A 407 -36.82 26.76 15.00
CA ASP A 407 -36.82 28.20 14.73
C ASP A 407 -37.90 28.84 15.60
N PRO A 408 -37.58 29.06 16.89
CA PRO A 408 -38.46 29.63 17.90
C PRO A 408 -38.35 31.11 18.16
N LYS A 409 -39.32 31.61 18.91
CA LYS A 409 -39.40 33.00 19.35
C LYS A 409 -40.17 33.02 20.67
N ARG A 410 -39.69 33.84 21.60
CA ARG A 410 -40.28 34.00 22.92
C ARG A 410 -41.66 34.68 22.88
N VAL A 411 -42.59 34.12 23.64
CA VAL A 411 -43.94 34.64 23.78
C VAL A 411 -44.21 34.71 25.27
N TYR A 412 -44.47 35.91 25.76
CA TYR A 412 -44.75 36.15 27.19
C TYR A 412 -46.21 35.93 27.59
N VAL A 413 -46.40 35.43 28.80
CA VAL A 413 -47.72 35.18 29.38
C VAL A 413 -47.62 35.47 30.87
N ASN A 414 -48.74 35.86 31.49
CA ASN A 414 -48.77 36.17 32.91
C ASN A 414 -48.68 34.93 33.79
N SER A 415 -49.19 33.81 33.27
CA SER A 415 -49.18 32.52 33.97
C SER A 415 -49.41 31.37 32.98
N GLN A 416 -49.27 30.14 33.49
CA GLN A 416 -49.49 28.92 32.69
C GLN A 416 -50.95 28.83 32.20
N ALA A 417 -51.83 29.56 32.89
CA ALA A 417 -53.26 29.59 32.58
C ALA A 417 -53.58 30.28 31.25
N ASP A 418 -52.64 31.06 30.75
CA ASP A 418 -52.81 31.81 29.50
C ASP A 418 -52.49 31.04 28.23
N THR A 419 -51.99 29.81 28.38
CA THR A 419 -51.64 28.97 27.22
C THR A 419 -51.57 27.48 27.54
N LYS A 420 -51.82 26.67 26.52
CA LYS A 420 -51.80 25.21 26.63
C LYS A 420 -50.36 24.68 26.59
N ASN A 421 -49.48 25.52 26.04
CA ASN A 421 -48.06 25.20 25.91
C ASN A 421 -47.31 25.40 27.20
N LYS A 422 -46.38 24.48 27.48
CA LYS A 422 -45.54 24.51 28.68
C LYS A 422 -44.72 25.81 28.75
N VAL A 423 -44.81 26.49 29.89
CA VAL A 423 -44.06 27.72 30.11
C VAL A 423 -43.05 27.50 31.23
N PHE A 424 -42.12 28.44 31.36
CA PHE A 424 -41.11 28.39 32.40
C PHE A 424 -40.93 29.81 32.93
N GLU A 425 -40.47 29.91 34.18
CA GLU A 425 -40.26 31.21 34.80
C GLU A 425 -38.92 31.76 34.33
N THR A 426 -38.97 32.95 33.75
CA THR A 426 -37.79 33.62 33.23
C THR A 426 -37.26 34.66 34.20
N GLU A 427 -35.99 34.99 34.04
CA GLU A 427 -35.31 35.98 34.88
C GLU A 427 -35.56 37.37 34.28
N TYR A 428 -36.05 37.37 33.04
CA TYR A 428 -36.33 38.61 32.31
C TYR A 428 -37.80 38.84 32.06
N PRO A 429 -38.44 39.69 32.89
CA PRO A 429 -39.86 40.02 32.79
C PRO A 429 -40.24 40.63 31.44
N GLY A 430 -41.47 40.37 31.01
CA GLY A 430 -41.94 40.89 29.74
C GLY A 430 -42.35 42.35 29.79
N PRO A 431 -42.82 42.92 28.66
CA PRO A 431 -43.26 44.31 28.49
C PRO A 431 -44.21 44.79 29.60
N ASN A 432 -45.12 43.90 30.00
CA ASN A 432 -46.12 44.19 31.02
C ASN A 432 -45.80 43.49 32.34
N GLY A 433 -44.53 43.13 32.53
CA GLY A 433 -44.09 42.48 33.75
C GLY A 433 -44.28 40.97 33.86
N GLU A 434 -44.63 40.31 32.75
CA GLU A 434 -44.85 38.87 32.71
C GLU A 434 -43.59 38.10 33.13
N LYS A 435 -43.75 37.20 34.09
CA LYS A 435 -42.62 36.42 34.60
C LYS A 435 -42.50 35.03 33.99
N TYR A 436 -43.42 34.70 33.09
CA TYR A 436 -43.42 33.41 32.42
C TYR A 436 -43.43 33.58 30.91
N CYS A 437 -42.96 32.54 30.21
CA CYS A 437 -42.90 32.55 28.76
C CYS A 437 -42.73 31.15 28.20
N TRP A 438 -43.11 30.99 26.94
CA TRP A 438 -42.95 29.75 26.20
C TRP A 438 -42.38 30.19 24.86
N TYR A 439 -41.78 29.25 24.12
CA TYR A 439 -41.21 29.58 22.82
C TYR A 439 -42.06 28.97 21.72
N GLN A 440 -42.53 29.84 20.82
CA GLN A 440 -43.38 29.44 19.71
C GLN A 440 -42.57 29.04 18.49
N CYS A 441 -42.98 27.94 17.86
CA CYS A 441 -42.34 27.39 16.66
C CYS A 441 -42.84 28.06 15.40
N THR A 442 -41.95 28.20 14.43
CA THR A 442 -42.28 28.79 13.15
C THR A 442 -41.87 27.77 12.07
N ILE A 443 -42.36 27.99 10.86
CA ILE A 443 -42.07 27.13 9.72
C ILE A 443 -41.83 28.01 8.52
N LYS A 444 -41.37 27.41 7.43
CA LYS A 444 -41.09 28.11 6.16
C LYS A 444 -40.20 29.36 6.34
N GLY A 445 -38.99 29.15 6.86
CA GLY A 445 -38.05 30.25 7.06
C GLY A 445 -38.53 31.33 8.01
N GLY A 446 -39.41 30.97 8.93
CA GLY A 446 -39.93 31.91 9.91
C GLY A 446 -41.07 32.81 9.45
N ARG A 447 -41.62 32.51 8.27
CA ARG A 447 -42.72 33.30 7.69
C ARG A 447 -44.09 32.98 8.26
N GLU A 448 -44.20 31.84 8.94
CA GLU A 448 -45.48 31.39 9.51
C GLU A 448 -45.31 30.75 10.89
N SER A 449 -46.13 31.20 11.84
CA SER A 449 -46.12 30.68 13.22
C SER A 449 -47.12 29.56 13.37
N ARG A 450 -46.89 28.72 14.38
CA ARG A 450 -47.75 27.58 14.69
C ARG A 450 -48.01 27.57 16.18
N ASP A 451 -49.16 27.03 16.58
CA ASP A 451 -49.53 26.96 17.98
C ASP A 451 -48.90 25.71 18.64
N LEU A 452 -47.58 25.65 18.56
CA LEU A 452 -46.78 24.56 19.14
C LEU A 452 -45.58 25.21 19.82
N GLY A 453 -45.29 24.74 21.03
CA GLY A 453 -44.15 25.26 21.77
C GLY A 453 -42.91 24.42 21.49
N VAL A 454 -41.74 24.96 21.83
CA VAL A 454 -40.45 24.29 21.62
C VAL A 454 -40.36 23.03 22.50
N TRP A 455 -40.95 23.12 23.69
CA TRP A 455 -40.99 22.00 24.64
C TRP A 455 -41.73 20.83 24.00
N GLU A 456 -42.90 21.12 23.43
CA GLU A 456 -43.72 20.10 22.79
C GLU A 456 -43.09 19.56 21.49
N LEU A 457 -42.50 20.45 20.69
CA LEU A 457 -41.86 20.08 19.42
C LEU A 457 -40.68 19.13 19.61
N THR A 458 -39.72 19.52 20.45
CA THR A 458 -38.54 18.70 20.68
C THR A 458 -38.86 17.33 21.27
N ARG A 459 -39.76 17.29 22.26
CA ARG A 459 -40.14 16.03 22.90
C ARG A 459 -40.81 15.10 21.92
N ALA A 460 -41.65 15.67 21.05
CA ALA A 460 -42.36 14.90 20.03
C ALA A 460 -41.37 14.29 19.04
N CYS A 461 -40.50 15.14 18.48
CA CYS A 461 -39.49 14.73 17.50
C CYS A 461 -38.49 13.73 18.06
N GLU A 462 -38.23 13.85 19.36
CA GLU A 462 -37.30 12.96 20.06
C GLU A 462 -37.95 11.57 20.11
N ALA A 463 -39.28 11.55 20.26
CA ALA A 463 -40.05 10.31 20.33
C ALA A 463 -40.14 9.66 18.95
N LEU A 464 -40.23 10.50 17.91
CA LEU A 464 -40.34 10.02 16.54
C LEU A 464 -39.02 9.46 16.01
N GLY A 465 -37.94 9.72 16.75
CA GLY A 465 -36.64 9.20 16.34
C GLY A 465 -35.50 10.18 16.08
N ALA A 466 -35.71 11.47 16.34
CA ALA A 466 -34.68 12.49 16.12
C ALA A 466 -33.49 12.25 17.08
N GLY A 467 -32.28 12.48 16.59
CA GLY A 467 -31.09 12.26 17.41
C GLY A 467 -30.37 13.49 17.92
N GLU A 468 -30.72 14.66 17.38
CA GLU A 468 -30.07 15.92 17.78
C GLU A 468 -31.00 17.11 17.49
N ILE A 469 -30.88 18.15 18.30
CA ILE A 469 -31.67 19.38 18.15
C ILE A 469 -30.80 20.57 17.82
N LEU A 470 -31.11 21.19 16.69
CA LEU A 470 -30.47 22.42 16.25
C LEU A 470 -31.37 23.58 16.72
N LEU A 471 -31.03 24.09 17.91
CA LEU A 471 -31.81 25.13 18.58
C LEU A 471 -31.44 26.56 18.22
N ASN A 472 -32.10 27.08 17.19
CA ASN A 472 -31.89 28.46 16.77
C ASN A 472 -32.81 29.33 17.64
N CYS A 473 -32.72 30.63 17.45
CA CYS A 473 -33.57 31.59 18.14
C CYS A 473 -33.66 32.79 17.21
N ILE A 474 -34.85 33.00 16.63
CA ILE A 474 -35.13 34.10 15.70
C ILE A 474 -34.76 35.50 16.24
N ASP A 475 -34.92 35.71 17.55
CA ASP A 475 -34.60 37.00 18.19
C ASP A 475 -33.12 37.28 18.32
N LYS A 476 -32.30 36.22 18.30
CA LYS A 476 -30.85 36.33 18.44
C LYS A 476 -30.11 36.18 17.13
N ASP A 477 -30.79 35.65 16.11
CA ASP A 477 -30.21 35.41 14.80
C ASP A 477 -29.42 36.60 14.27
N GLY A 478 -28.13 36.38 14.02
CA GLY A 478 -27.27 37.41 13.48
C GLY A 478 -27.11 38.69 14.29
N SER A 479 -27.45 38.63 15.58
CA SER A 479 -27.36 39.78 16.48
C SER A 479 -25.99 39.96 17.14
N ASN A 480 -25.14 38.94 17.03
CA ASN A 480 -23.78 38.92 17.60
C ASN A 480 -23.79 39.32 19.09
N SER A 481 -24.94 39.14 19.75
CA SER A 481 -25.06 39.50 21.16
C SER A 481 -25.04 38.31 22.13
N GLY A 482 -24.76 37.12 21.62
CA GLY A 482 -24.73 35.93 22.46
C GLY A 482 -25.92 35.01 22.26
N TYR A 483 -25.89 33.84 22.89
CA TYR A 483 -26.97 32.86 22.78
C TYR A 483 -28.06 33.11 23.80
N ASP A 484 -29.27 32.61 23.48
CA ASP A 484 -30.43 32.70 24.37
C ASP A 484 -30.24 31.55 25.36
N LEU A 485 -29.53 31.84 26.45
CA LEU A 485 -29.20 30.85 27.50
C LEU A 485 -30.37 30.13 28.15
N GLU A 486 -31.46 30.84 28.46
CA GLU A 486 -32.63 30.24 29.08
C GLU A 486 -33.34 29.26 28.13
N LEU A 487 -33.35 29.58 26.83
CA LEU A 487 -33.97 28.71 25.83
C LEU A 487 -33.23 27.36 25.80
N ILE A 488 -31.89 27.43 25.81
CA ILE A 488 -31.03 26.25 25.81
C ILE A 488 -31.36 25.34 27.00
N GLU A 489 -31.39 25.94 28.19
CA GLU A 489 -31.70 25.20 29.42
C GLU A 489 -33.10 24.63 29.42
N HIS A 490 -34.03 25.37 28.78
CA HIS A 490 -35.44 24.96 28.68
C HIS A 490 -35.58 23.70 27.83
N VAL A 491 -34.83 23.63 26.73
CA VAL A 491 -34.87 22.46 25.84
C VAL A 491 -34.12 21.27 26.47
N LYS A 492 -33.03 21.58 27.18
CA LYS A 492 -32.23 20.55 27.85
C LYS A 492 -33.01 19.86 28.97
N ASP A 493 -34.05 20.55 29.47
CA ASP A 493 -34.92 20.01 30.52
C ASP A 493 -35.95 19.11 29.85
N ALA A 494 -36.23 19.40 28.58
CA ALA A 494 -37.24 18.67 27.80
C ALA A 494 -36.83 17.35 27.15
N VAL A 495 -35.63 17.29 26.59
CA VAL A 495 -35.16 16.09 25.90
C VAL A 495 -33.85 15.50 26.39
N LYS A 496 -33.59 14.27 25.94
CA LYS A 496 -32.38 13.54 26.31
C LYS A 496 -31.46 13.31 25.11
N ILE A 497 -31.67 14.10 24.05
CA ILE A 497 -30.82 14.03 22.86
C ILE A 497 -29.96 15.31 22.87
N PRO A 498 -28.77 15.29 22.25
CA PRO A 498 -27.88 16.45 22.20
C PRO A 498 -28.55 17.70 21.62
N VAL A 499 -28.33 18.84 22.25
CA VAL A 499 -28.89 20.10 21.81
C VAL A 499 -27.77 21.06 21.42
N ILE A 500 -27.86 21.59 20.20
CA ILE A 500 -26.87 22.54 19.69
C ILE A 500 -27.35 23.97 19.92
N ALA A 501 -26.50 24.77 20.56
CA ALA A 501 -26.81 26.18 20.83
C ALA A 501 -26.53 26.95 19.53
N SER A 502 -27.55 27.61 19.00
CA SER A 502 -27.43 28.37 17.76
C SER A 502 -28.11 29.72 17.85
N SER A 503 -27.68 30.65 16.98
CA SER A 503 -28.18 32.03 16.86
C SER A 503 -27.62 33.00 17.92
N GLY A 504 -26.95 34.05 17.47
CA GLY A 504 -26.43 35.05 18.38
C GLY A 504 -24.94 35.11 18.62
N ALA A 505 -24.19 34.09 18.17
CA ALA A 505 -22.73 34.04 18.37
C ALA A 505 -22.03 35.19 17.68
N GLY A 506 -21.21 35.92 18.43
CA GLY A 506 -20.46 37.04 17.86
C GLY A 506 -18.99 37.06 18.22
N VAL A 507 -18.66 36.60 19.43
CA VAL A 507 -17.28 36.56 19.91
C VAL A 507 -16.99 35.26 20.68
N PRO A 508 -15.70 34.86 20.76
CA PRO A 508 -15.29 33.64 21.46
C PRO A 508 -15.90 33.48 22.86
N GLU A 509 -16.10 34.60 23.55
CA GLU A 509 -16.65 34.62 24.90
C GLU A 509 -18.06 34.02 24.97
N HIS A 510 -18.81 34.14 23.88
CA HIS A 510 -20.18 33.63 23.79
C HIS A 510 -20.20 32.11 23.84
N PHE A 511 -19.20 31.49 23.20
CA PHE A 511 -19.08 30.03 23.19
C PHE A 511 -18.78 29.57 24.61
N GLU A 512 -17.86 30.26 25.27
CA GLU A 512 -17.49 29.94 26.65
C GLU A 512 -18.71 30.07 27.56
N GLU A 513 -19.47 31.15 27.38
CA GLU A 513 -20.67 31.40 28.17
C GLU A 513 -21.68 30.24 28.06
N ALA A 514 -21.94 29.81 26.83
CA ALA A 514 -22.87 28.71 26.57
C ALA A 514 -22.39 27.40 27.20
N PHE A 515 -21.09 27.13 27.09
CA PHE A 515 -20.51 25.89 27.63
C PHE A 515 -20.37 25.84 29.15
N LEU A 516 -20.31 27.00 29.79
CA LEU A 516 -20.18 27.05 31.25
C LEU A 516 -21.48 27.34 31.98
N LYS A 517 -22.32 28.19 31.39
CA LYS A 517 -23.59 28.57 32.00
C LYS A 517 -24.78 27.70 31.60
N THR A 518 -24.62 26.89 30.56
CA THR A 518 -25.69 26.00 30.13
C THR A 518 -25.14 24.61 29.88
N ARG A 519 -26.06 23.69 29.57
CA ARG A 519 -25.73 22.30 29.30
C ARG A 519 -25.67 22.04 27.78
N ALA A 520 -25.53 23.11 26.99
CA ALA A 520 -25.44 23.00 25.52
C ALA A 520 -24.41 21.93 25.12
N ASP A 521 -24.79 21.09 24.17
CA ASP A 521 -23.92 20.01 23.72
C ASP A 521 -23.01 20.39 22.55
N ALA A 522 -23.19 21.61 22.06
CA ALA A 522 -22.40 22.16 20.95
C ALA A 522 -22.80 23.60 20.69
N CYS A 523 -21.96 24.30 19.95
CA CYS A 523 -22.21 25.69 19.57
C CYS A 523 -22.01 25.86 18.07
N LEU A 524 -22.98 26.51 17.45
CA LEU A 524 -22.95 26.77 16.01
C LEU A 524 -22.83 28.26 15.77
N GLY A 525 -22.14 28.60 14.68
CA GLY A 525 -21.96 29.99 14.31
C GLY A 525 -22.01 30.10 12.80
N ALA A 526 -22.63 31.18 12.32
CA ALA A 526 -22.75 31.44 10.88
C ALA A 526 -22.09 32.77 10.55
N GLY A 527 -22.80 33.87 10.83
CA GLY A 527 -22.30 35.21 10.55
C GLY A 527 -20.87 35.55 10.91
N MET A 528 -20.48 35.30 12.17
CA MET A 528 -19.13 35.62 12.63
C MET A 528 -17.99 34.93 11.86
N PHE A 529 -18.25 33.70 11.43
CA PHE A 529 -17.26 32.98 10.68
C PHE A 529 -17.22 33.45 9.24
N HIS A 530 -18.39 33.82 8.77
CA HIS A 530 -18.52 34.26 7.39
C HIS A 530 -17.97 35.64 7.16
N ARG A 531 -17.88 36.41 8.23
CA ARG A 531 -17.37 37.76 8.14
C ARG A 531 -15.88 37.76 8.33
N GLY A 532 -15.33 36.60 8.64
CA GLY A 532 -13.91 36.58 8.87
C GLY A 532 -13.59 37.33 10.17
N GLU A 533 -14.57 37.81 10.94
CA GLU A 533 -14.29 38.47 12.24
C GLU A 533 -13.36 37.61 13.09
N PHE A 534 -13.72 36.34 13.18
CA PHE A 534 -12.96 35.32 13.90
C PHE A 534 -13.07 34.05 13.10
N THR A 535 -12.13 33.14 13.33
CA THR A 535 -12.10 31.84 12.67
C THR A 535 -12.54 30.87 13.74
N VAL A 536 -12.74 29.60 13.37
CA VAL A 536 -13.12 28.58 14.34
C VAL A 536 -11.96 28.40 15.30
N ASN A 537 -10.73 28.45 14.77
CA ASN A 537 -9.53 28.31 15.60
C ASN A 537 -9.38 29.42 16.62
N ASP A 538 -9.83 30.64 16.29
CA ASP A 538 -9.77 31.78 17.23
C ASP A 538 -10.65 31.46 18.44
N VAL A 539 -11.84 30.92 18.18
CA VAL A 539 -12.80 30.55 19.21
C VAL A 539 -12.20 29.41 20.06
N LYS A 540 -11.61 28.43 19.39
CA LYS A 540 -10.99 27.28 20.06
C LYS A 540 -9.81 27.68 20.94
N GLU A 541 -8.96 28.60 20.45
CA GLU A 541 -7.79 29.09 21.20
C GLU A 541 -8.23 29.71 22.51
N TYR A 542 -9.31 30.48 22.44
CA TYR A 542 -9.87 31.15 23.61
C TYR A 542 -10.41 30.14 24.62
N LEU A 543 -11.19 29.16 24.14
CA LEU A 543 -11.77 28.12 25.00
C LEU A 543 -10.68 27.28 25.66
N LEU A 544 -9.64 26.97 24.88
CA LEU A 544 -8.49 26.18 25.32
C LEU A 544 -7.74 26.95 26.42
N GLU A 545 -7.69 28.26 26.25
CA GLU A 545 -7.02 29.18 27.17
C GLU A 545 -7.80 29.28 28.48
N HIS A 546 -9.09 28.93 28.43
CA HIS A 546 -9.94 28.97 29.61
C HIS A 546 -10.22 27.59 30.21
N GLY A 547 -9.40 26.62 29.86
CA GLY A 547 -9.52 25.28 30.41
C GLY A 547 -10.49 24.28 29.82
N LEU A 548 -11.12 24.64 28.71
CA LEU A 548 -12.07 23.75 28.06
C LEU A 548 -11.34 22.88 27.05
N LYS A 549 -11.88 21.68 26.78
CA LYS A 549 -11.28 20.75 25.84
C LYS A 549 -11.87 20.97 24.45
N VAL A 550 -10.98 21.11 23.47
CA VAL A 550 -11.39 21.32 22.08
C VAL A 550 -10.50 20.52 21.16
N ARG A 551 -11.03 20.19 19.99
CA ARG A 551 -10.29 19.46 18.97
C ARG A 551 -9.28 20.42 18.32
N MET A 552 -8.03 19.98 18.26
CA MET A 552 -6.94 20.74 17.65
C MET A 552 -6.12 19.74 16.86
N ASP A 553 -6.31 19.76 15.53
CA ASP A 553 -5.61 18.84 14.64
C ASP A 553 -4.86 19.58 13.52
N VAL B 6 42.66 -34.20 -3.97
CA VAL B 6 42.72 -32.73 -4.03
C VAL B 6 42.30 -32.24 -5.42
N VAL B 7 41.78 -31.01 -5.47
CA VAL B 7 41.31 -30.39 -6.72
C VAL B 7 42.02 -29.05 -6.92
N HIS B 8 42.71 -28.92 -8.04
CA HIS B 8 43.42 -27.67 -8.37
C HIS B 8 42.51 -26.74 -9.15
N VAL B 9 42.37 -25.53 -8.62
CA VAL B 9 41.55 -24.50 -9.21
C VAL B 9 42.45 -23.31 -9.59
N ILE B 10 42.46 -22.97 -10.87
CA ILE B 10 43.25 -21.85 -11.39
C ILE B 10 42.56 -20.57 -10.98
N ASP B 11 43.31 -19.71 -10.29
CA ASP B 11 42.82 -18.44 -9.77
C ASP B 11 43.56 -17.24 -10.36
N VAL B 12 42.86 -16.48 -11.20
CA VAL B 12 43.43 -15.28 -11.83
C VAL B 12 43.11 -14.09 -10.93
N GLU B 13 42.68 -14.42 -9.71
CA GLU B 13 42.30 -13.47 -8.65
C GLU B 13 41.32 -12.37 -9.08
N SER B 14 40.28 -12.79 -9.81
CA SER B 14 39.24 -11.91 -10.31
C SER B 14 37.89 -12.61 -10.29
N GLY B 15 36.87 -11.93 -9.77
CA GLY B 15 35.54 -12.50 -9.73
C GLY B 15 35.24 -13.42 -8.57
N ASN B 16 34.01 -13.96 -8.56
CA ASN B 16 33.56 -14.85 -7.51
C ASN B 16 34.12 -16.26 -7.65
N LEU B 17 34.96 -16.63 -6.69
CA LEU B 17 35.58 -17.93 -6.66
C LEU B 17 35.10 -18.68 -5.41
N GLN B 18 34.43 -17.96 -4.50
CA GLN B 18 33.91 -18.50 -3.24
C GLN B 18 32.98 -19.68 -3.46
N SER B 19 32.00 -19.49 -4.34
CA SER B 19 31.00 -20.51 -4.66
C SER B 19 31.59 -21.82 -5.16
N LEU B 20 32.54 -21.75 -6.09
CA LEU B 20 33.18 -22.94 -6.63
C LEU B 20 33.97 -23.68 -5.54
N THR B 21 34.79 -22.94 -4.78
CA THR B 21 35.58 -23.53 -3.69
C THR B 21 34.69 -24.22 -2.66
N ASN B 22 33.66 -23.51 -2.20
CA ASN B 22 32.72 -24.05 -1.22
C ASN B 22 31.98 -25.28 -1.75
N ALA B 23 31.65 -25.26 -3.05
CA ALA B 23 30.95 -26.37 -3.70
C ALA B 23 31.83 -27.62 -3.72
N ILE B 24 33.12 -27.43 -3.99
CA ILE B 24 34.09 -28.53 -4.05
C ILE B 24 34.33 -29.13 -2.65
N GLU B 25 34.51 -28.26 -1.65
CA GLU B 25 34.72 -28.69 -0.26
C GLU B 25 33.48 -29.40 0.27
N HIS B 26 32.30 -28.89 -0.12
CA HIS B 26 31.01 -29.44 0.27
C HIS B 26 30.85 -30.86 -0.30
N LEU B 27 31.59 -31.15 -1.37
CA LEU B 27 31.57 -32.47 -2.01
C LEU B 27 32.60 -33.41 -1.39
N GLY B 28 33.37 -32.89 -0.43
CA GLY B 28 34.37 -33.69 0.26
C GLY B 28 35.78 -33.65 -0.31
N TYR B 29 36.11 -32.57 -1.03
CA TYR B 29 37.42 -32.42 -1.63
C TYR B 29 38.14 -31.22 -1.04
N GLU B 30 39.46 -31.17 -1.23
CA GLU B 30 40.27 -30.06 -0.76
C GLU B 30 40.61 -29.23 -1.99
N VAL B 31 40.57 -27.92 -1.83
CA VAL B 31 40.87 -27.00 -2.92
C VAL B 31 42.26 -26.42 -2.78
N GLN B 32 42.99 -26.42 -3.89
CA GLN B 32 44.33 -25.86 -3.97
C GLN B 32 44.26 -24.80 -5.06
N LEU B 33 44.38 -23.54 -4.65
CA LEU B 33 44.35 -22.42 -5.57
C LEU B 33 45.69 -22.28 -6.28
N VAL B 34 45.63 -22.14 -7.60
CA VAL B 34 46.81 -21.98 -8.43
C VAL B 34 46.73 -20.59 -9.06
N LYS B 35 47.47 -19.65 -8.45
CA LYS B 35 47.52 -18.26 -8.91
C LYS B 35 48.65 -18.03 -9.89
N SER B 36 49.60 -18.97 -9.89
CA SER B 36 50.78 -18.91 -10.76
C SER B 36 51.15 -20.31 -11.23
N PRO B 37 51.78 -20.44 -12.41
CA PRO B 37 52.21 -21.72 -13.00
C PRO B 37 53.18 -22.46 -12.07
N LYS B 38 53.74 -21.73 -11.11
CA LYS B 38 54.69 -22.25 -10.13
C LYS B 38 53.98 -23.01 -9.00
N ASP B 39 52.69 -22.76 -8.84
CA ASP B 39 51.88 -23.38 -7.79
C ASP B 39 51.35 -24.79 -8.07
N PHE B 40 51.67 -25.34 -9.25
CA PHE B 40 51.24 -26.69 -9.59
C PHE B 40 52.12 -27.35 -10.66
N ASN B 41 52.28 -28.66 -10.53
CA ASN B 41 53.05 -29.46 -11.49
C ASN B 41 52.06 -30.45 -12.07
N ILE B 42 52.32 -30.91 -13.30
CA ILE B 42 51.44 -31.84 -14.00
C ILE B 42 51.19 -33.17 -13.28
N SER B 43 52.27 -33.84 -12.88
CA SER B 43 52.19 -35.14 -12.20
C SER B 43 51.50 -35.08 -10.83
N GLY B 44 51.55 -33.91 -10.19
CA GLY B 44 50.93 -33.74 -8.88
C GLY B 44 49.49 -33.22 -8.90
N THR B 45 48.90 -33.13 -10.09
CA THR B 45 47.53 -32.65 -10.27
C THR B 45 46.67 -33.73 -10.96
N SER B 46 45.62 -34.18 -10.28
CA SER B 46 44.72 -35.20 -10.83
C SER B 46 43.37 -34.63 -11.28
N ARG B 47 43.01 -33.44 -10.75
CA ARG B 47 41.76 -32.76 -11.12
C ARG B 47 42.01 -31.26 -11.23
N LEU B 48 41.90 -30.74 -12.45
CA LEU B 48 42.11 -29.31 -12.72
C LEU B 48 40.82 -28.65 -13.19
N ILE B 49 40.52 -27.49 -12.60
CA ILE B 49 39.33 -26.71 -12.94
C ILE B 49 39.76 -25.33 -13.40
N LEU B 50 39.28 -24.95 -14.59
CA LEU B 50 39.57 -23.66 -15.19
C LEU B 50 38.30 -22.79 -15.12
N PRO B 51 38.11 -22.07 -13.98
CA PRO B 51 36.95 -21.19 -13.79
C PRO B 51 37.17 -19.85 -14.49
N GLY B 52 36.15 -19.40 -15.20
CA GLY B 52 36.24 -18.13 -15.89
C GLY B 52 35.03 -17.29 -15.54
N VAL B 53 35.22 -15.98 -15.47
CA VAL B 53 34.13 -15.07 -15.14
C VAL B 53 34.36 -13.73 -15.82
N GLY B 54 33.26 -13.10 -16.21
CA GLY B 54 33.35 -11.78 -16.81
C GLY B 54 33.67 -11.70 -18.29
N ASN B 55 34.26 -10.58 -18.68
CA ASN B 55 34.63 -10.31 -20.05
C ASN B 55 35.74 -11.29 -20.49
N TYR B 56 35.54 -11.85 -21.69
CA TYR B 56 36.47 -12.82 -22.29
C TYR B 56 37.93 -12.36 -22.29
N GLY B 57 38.17 -11.18 -22.83
CA GLY B 57 39.52 -10.62 -22.89
C GLY B 57 40.12 -10.36 -21.52
N HIS B 58 39.31 -9.79 -20.62
CA HIS B 58 39.71 -9.50 -19.24
C HIS B 58 40.20 -10.76 -18.53
N PHE B 59 39.64 -11.91 -18.92
CA PHE B 59 39.99 -13.20 -18.34
C PHE B 59 41.19 -13.85 -19.04
N VAL B 60 41.08 -14.08 -20.35
CA VAL B 60 42.14 -14.71 -21.15
C VAL B 60 43.47 -13.94 -21.07
N ASP B 61 43.40 -12.61 -21.10
CA ASP B 61 44.61 -11.79 -21.02
C ASP B 61 45.29 -12.06 -19.69
N ASN B 62 44.52 -11.96 -18.61
CA ASN B 62 45.00 -12.20 -17.24
C ASN B 62 45.62 -13.60 -17.12
N LEU B 63 44.92 -14.59 -17.66
CA LEU B 63 45.35 -15.98 -17.64
C LEU B 63 46.69 -16.20 -18.36
N PHE B 64 46.78 -15.72 -19.60
CA PHE B 64 47.98 -15.87 -20.41
C PHE B 64 49.12 -14.97 -19.91
N ASN B 65 48.76 -13.83 -19.30
CA ASN B 65 49.73 -12.87 -18.75
C ASN B 65 50.52 -13.53 -17.64
N ARG B 66 49.84 -14.38 -16.87
CA ARG B 66 50.45 -15.09 -15.75
C ARG B 66 51.28 -16.29 -16.20
N GLY B 67 51.23 -16.58 -17.49
CA GLY B 67 51.98 -17.67 -18.07
C GLY B 67 51.35 -19.05 -17.96
N PHE B 68 50.03 -19.10 -18.00
CA PHE B 68 49.28 -20.35 -17.88
C PHE B 68 49.03 -21.13 -19.18
N GLU B 69 49.22 -20.51 -20.34
CA GLU B 69 48.95 -21.21 -21.60
C GLU B 69 49.64 -22.55 -21.79
N LYS B 70 50.98 -22.57 -21.72
CA LYS B 70 51.75 -23.81 -21.88
C LYS B 70 51.44 -24.85 -20.80
N PRO B 71 51.32 -24.42 -19.52
CA PRO B 71 51.02 -25.34 -18.42
C PRO B 71 49.68 -26.05 -18.65
N ILE B 72 48.69 -25.29 -19.11
CA ILE B 72 47.34 -25.80 -19.40
C ILE B 72 47.38 -26.81 -20.56
N ARG B 73 48.12 -26.48 -21.62
CA ARG B 73 48.26 -27.34 -22.79
C ARG B 73 49.02 -28.62 -22.44
N GLU B 74 50.07 -28.47 -21.62
CA GLU B 74 50.89 -29.59 -21.17
C GLU B 74 50.06 -30.53 -20.31
N TYR B 75 49.15 -29.93 -19.53
CA TYR B 75 48.25 -30.70 -18.66
C TYR B 75 47.25 -31.47 -19.52
N ILE B 76 46.69 -30.79 -20.52
CA ILE B 76 45.72 -31.39 -21.44
C ILE B 76 46.39 -32.54 -22.23
N GLU B 77 47.67 -32.32 -22.57
CA GLU B 77 48.48 -33.28 -23.30
C GLU B 77 48.79 -34.53 -22.46
N SER B 78 48.83 -34.34 -21.13
CA SER B 78 49.11 -35.44 -20.20
C SER B 78 47.94 -36.43 -20.16
N GLY B 79 46.81 -36.00 -20.72
CA GLY B 79 45.64 -36.85 -20.77
C GLY B 79 44.76 -36.87 -19.52
N LYS B 80 45.13 -36.07 -18.51
CA LYS B 80 44.39 -35.98 -17.26
C LYS B 80 43.22 -34.99 -17.32
N PRO B 81 42.13 -35.26 -16.57
CA PRO B 81 40.90 -34.47 -16.48
C PRO B 81 41.00 -32.98 -16.22
N ILE B 82 40.36 -32.20 -17.09
CA ILE B 82 40.28 -30.75 -16.96
C ILE B 82 38.83 -30.33 -17.18
N MET B 83 38.37 -29.37 -16.38
CA MET B 83 37.02 -28.85 -16.47
C MET B 83 37.04 -27.34 -16.60
N GLY B 84 36.39 -26.84 -17.65
CA GLY B 84 36.32 -25.41 -17.87
C GLY B 84 34.92 -24.95 -17.55
N ILE B 85 34.80 -23.82 -16.86
CA ILE B 85 33.52 -23.26 -16.49
C ILE B 85 33.42 -21.82 -17.00
N VAL B 87 33.83 -18.70 -18.93
CA VAL B 87 34.89 -18.23 -19.83
C VAL B 87 35.96 -19.32 -19.90
N GLY B 88 35.79 -20.32 -19.02
CA GLY B 88 36.69 -21.45 -18.97
C GLY B 88 36.41 -22.39 -20.13
N LEU B 89 35.18 -22.33 -20.64
CA LEU B 89 34.76 -23.13 -21.79
C LEU B 89 35.06 -22.34 -23.05
N GLN B 90 34.82 -21.02 -22.99
CA GLN B 90 35.05 -20.13 -24.14
C GLN B 90 36.51 -20.05 -24.54
N ALA B 91 37.41 -20.22 -23.56
CA ALA B 91 38.85 -20.18 -23.79
C ALA B 91 39.32 -21.34 -24.68
N LEU B 92 38.53 -22.40 -24.75
CA LEU B 92 38.84 -23.58 -25.56
C LEU B 92 38.65 -23.32 -27.04
N PHE B 93 37.92 -22.26 -27.35
CA PHE B 93 37.63 -21.90 -28.72
C PHE B 93 38.70 -21.00 -29.36
N ALA B 94 38.47 -20.60 -30.60
CA ALA B 94 39.40 -19.74 -31.35
C ALA B 94 39.45 -18.33 -30.79
N GLY B 95 38.39 -17.96 -30.07
CA GLY B 95 38.30 -16.64 -29.48
C GLY B 95 36.85 -16.25 -29.36
N SER B 96 36.60 -14.98 -29.06
CA SER B 96 35.24 -14.47 -28.92
C SER B 96 35.09 -13.07 -29.51
N VAL B 97 33.89 -12.80 -30.03
CA VAL B 97 33.57 -11.50 -30.63
C VAL B 97 33.45 -10.41 -29.54
N GLU B 98 33.42 -10.85 -28.28
CA GLU B 98 33.34 -9.96 -27.11
C GLU B 98 34.67 -9.20 -26.98
N SER B 99 35.76 -9.85 -27.41
CA SER B 99 37.11 -9.29 -27.36
C SER B 99 37.84 -9.75 -28.63
N PRO B 100 37.53 -9.08 -29.78
CA PRO B 100 38.07 -9.34 -31.11
C PRO B 100 39.55 -9.72 -31.21
N LYS B 101 40.40 -8.89 -30.61
CA LYS B 101 41.85 -9.10 -30.66
C LYS B 101 42.40 -10.19 -29.74
N SER B 102 41.56 -10.72 -28.85
CA SER B 102 41.97 -11.79 -27.93
C SER B 102 42.01 -13.13 -28.65
N THR B 103 42.79 -14.06 -28.11
CA THR B 103 42.93 -15.38 -28.68
C THR B 103 42.38 -16.44 -27.72
N GLY B 104 42.36 -17.69 -28.18
CA GLY B 104 41.89 -18.78 -27.35
C GLY B 104 42.83 -19.94 -27.49
N LEU B 105 42.57 -21.04 -26.77
CA LEU B 105 43.41 -22.23 -26.84
C LEU B 105 43.20 -22.94 -28.18
N ASN B 106 42.16 -22.50 -28.89
CA ASN B 106 41.80 -23.01 -30.21
C ASN B 106 41.65 -24.54 -30.37
N TYR B 107 41.07 -25.21 -29.37
CA TYR B 107 40.82 -26.66 -29.43
C TYR B 107 39.63 -26.89 -30.34
N ILE B 108 38.74 -25.89 -30.37
CA ILE B 108 37.57 -25.87 -31.23
C ILE B 108 37.83 -24.66 -32.11
N ASP B 109 37.95 -24.89 -33.41
CA ASP B 109 38.33 -23.85 -34.38
C ASP B 109 37.32 -22.78 -34.87
N PHE B 110 36.52 -22.24 -33.96
CA PHE B 110 35.60 -21.16 -34.34
C PHE B 110 35.39 -20.26 -33.14
N LYS B 111 34.87 -19.05 -33.40
CA LYS B 111 34.66 -18.07 -32.34
C LYS B 111 33.25 -17.99 -31.80
N LEU B 112 33.16 -17.53 -30.55
CA LEU B 112 31.88 -17.34 -29.89
C LEU B 112 31.31 -16.04 -30.43
N SER B 113 29.99 -16.01 -30.60
CA SER B 113 29.30 -14.84 -31.12
C SER B 113 28.18 -14.45 -30.18
N ARG B 114 27.63 -13.26 -30.39
CA ARG B 114 26.57 -12.72 -29.56
C ARG B 114 25.19 -13.26 -29.95
N PHE B 115 24.36 -13.53 -28.95
CA PHE B 115 22.99 -14.01 -29.19
C PHE B 115 22.25 -12.91 -29.95
N ASP B 116 21.27 -13.31 -30.74
CA ASP B 116 20.43 -12.40 -31.53
C ASP B 116 19.44 -11.71 -30.58
N ASP B 117 19.54 -10.39 -30.42
CA ASP B 117 18.65 -9.66 -29.52
C ASP B 117 17.34 -9.19 -30.18
N SER B 118 17.16 -9.52 -31.45
CA SER B 118 15.97 -9.13 -32.19
C SER B 118 14.73 -9.93 -31.75
N GLU B 119 14.96 -11.16 -31.32
CA GLU B 119 13.87 -12.07 -30.89
C GLU B 119 13.75 -12.29 -29.39
N LYS B 120 14.84 -12.02 -28.66
CA LYS B 120 14.90 -12.25 -27.22
C LYS B 120 15.84 -11.26 -26.56
N PRO B 121 15.82 -11.20 -25.21
CA PRO B 121 16.71 -10.29 -24.47
C PRO B 121 18.12 -10.89 -24.42
N VAL B 122 19.13 -10.02 -24.52
CA VAL B 122 20.53 -10.43 -24.45
C VAL B 122 21.17 -9.52 -23.40
N PRO B 123 21.95 -10.08 -22.45
CA PRO B 123 22.35 -11.47 -22.21
C PRO B 123 21.23 -12.44 -21.84
N GLU B 124 21.55 -13.73 -21.96
CA GLU B 124 20.65 -14.77 -21.50
C GLU B 124 20.94 -14.86 -20.00
N ILE B 125 19.92 -14.72 -19.17
CA ILE B 125 20.07 -14.80 -17.72
C ILE B 125 18.96 -15.69 -17.23
N GLY B 126 19.32 -16.88 -16.77
CA GLY B 126 18.29 -17.78 -16.28
C GLY B 126 18.61 -19.25 -16.36
N TRP B 127 17.59 -20.04 -16.07
CA TRP B 127 17.68 -21.49 -16.05
C TRP B 127 17.19 -22.14 -17.32
N ASN B 128 18.14 -22.68 -18.08
CA ASN B 128 17.87 -23.36 -19.32
C ASN B 128 18.22 -24.82 -19.17
N SER B 129 17.90 -25.62 -20.19
CA SER B 129 18.14 -27.05 -20.17
C SER B 129 18.94 -27.57 -21.36
N CYS B 130 19.50 -28.76 -21.18
CA CYS B 130 20.26 -29.43 -22.23
C CYS B 130 19.25 -30.20 -23.05
N ILE B 131 19.37 -30.11 -24.38
CA ILE B 131 18.46 -30.81 -25.29
C ILE B 131 18.79 -32.31 -25.23
N PRO B 132 17.76 -33.17 -25.14
CA PRO B 132 17.92 -34.63 -25.07
C PRO B 132 18.84 -35.16 -26.18
N SER B 133 19.82 -35.98 -25.79
CA SER B 133 20.79 -36.56 -26.70
C SER B 133 21.25 -37.92 -26.19
N GLU B 134 21.83 -38.71 -27.10
CA GLU B 134 22.36 -40.04 -26.78
C GLU B 134 23.78 -39.89 -26.24
N ASN B 135 24.41 -38.77 -26.59
CA ASN B 135 25.79 -38.47 -26.19
C ASN B 135 26.00 -37.52 -25.01
N LEU B 136 25.05 -37.50 -24.06
CA LEU B 136 25.17 -36.65 -22.89
C LEU B 136 26.24 -37.24 -21.98
N PHE B 137 26.80 -36.42 -21.10
CA PHE B 137 27.88 -36.85 -20.22
C PHE B 137 27.82 -36.18 -18.86
N PHE B 138 28.64 -36.70 -17.93
CA PHE B 138 28.75 -36.21 -16.55
C PHE B 138 27.44 -35.91 -15.83
N GLY B 139 26.42 -36.71 -16.14
CA GLY B 139 25.13 -36.58 -15.51
C GLY B 139 24.23 -35.43 -15.97
N LEU B 140 24.57 -34.80 -17.11
CA LEU B 140 23.74 -33.70 -17.63
C LEU B 140 22.34 -34.26 -17.93
N ASP B 141 21.39 -33.78 -17.16
CA ASP B 141 19.99 -34.22 -17.22
C ASP B 141 19.09 -33.18 -17.88
N PRO B 142 18.50 -33.53 -19.04
CA PRO B 142 17.61 -32.68 -19.83
C PRO B 142 16.35 -32.24 -19.08
N TYR B 143 16.04 -32.96 -17.99
CA TYR B 143 14.85 -32.68 -17.18
C TYR B 143 15.16 -31.87 -15.93
N LYS B 144 16.35 -31.30 -15.92
CA LYS B 144 16.82 -30.45 -14.83
C LYS B 144 17.20 -29.12 -15.46
N ARG B 145 17.53 -28.14 -14.62
CA ARG B 145 17.91 -26.81 -15.08
C ARG B 145 19.25 -26.38 -14.55
N TYR B 146 19.98 -25.63 -15.38
CA TYR B 146 21.29 -25.11 -15.02
C TYR B 146 21.24 -23.62 -15.27
N TYR B 147 22.02 -22.86 -14.52
CA TYR B 147 22.04 -21.40 -14.64
C TYR B 147 23.02 -20.84 -15.65
N PHE B 148 22.47 -20.12 -16.63
CA PHE B 148 23.25 -19.48 -17.68
C PHE B 148 23.19 -17.98 -17.48
N VAL B 149 24.31 -17.32 -17.72
CA VAL B 149 24.42 -15.86 -17.57
C VAL B 149 25.52 -15.41 -18.56
N HIS B 150 25.11 -15.15 -19.81
CA HIS B 150 26.03 -14.77 -20.89
C HIS B 150 25.36 -14.10 -22.09
N SER B 151 26.12 -13.27 -22.81
CA SER B 151 25.65 -12.58 -24.01
C SER B 151 26.22 -13.28 -25.23
N PHE B 152 27.38 -13.92 -25.04
CA PHE B 152 28.07 -14.61 -26.11
C PHE B 152 28.05 -16.10 -25.84
N ALA B 153 28.00 -16.87 -26.93
CA ALA B 153 27.95 -18.33 -26.86
C ALA B 153 28.46 -18.92 -28.17
N ALA B 154 28.71 -20.22 -28.14
CA ALA B 154 29.16 -20.95 -29.33
C ALA B 154 27.87 -21.37 -30.02
N ILE B 155 27.37 -20.50 -30.90
CA ILE B 155 26.13 -20.73 -31.63
C ILE B 155 26.33 -21.73 -32.76
N LEU B 156 25.47 -22.74 -32.78
CA LEU B 156 25.52 -23.84 -33.72
C LEU B 156 24.61 -23.82 -34.94
N ASN B 157 25.01 -24.62 -35.93
CA ASN B 157 24.26 -24.86 -37.16
C ASN B 157 24.63 -26.31 -37.51
N SER B 158 24.06 -26.84 -38.59
CA SER B 158 24.35 -28.22 -39.01
C SER B 158 25.83 -28.48 -39.25
N GLU B 159 26.46 -27.58 -39.99
CA GLU B 159 27.88 -27.70 -40.34
C GLU B 159 28.80 -27.79 -39.12
N LYS B 160 28.66 -26.86 -38.17
CA LYS B 160 29.48 -26.85 -36.95
C LYS B 160 29.29 -28.10 -36.07
N LYS B 161 28.03 -28.50 -35.85
CA LYS B 161 27.75 -29.68 -35.02
C LYS B 161 28.36 -30.94 -35.62
N LYS B 162 28.40 -30.98 -36.95
CA LYS B 162 28.95 -32.12 -37.68
C LYS B 162 30.45 -32.21 -37.63
N ASN B 163 31.12 -31.08 -37.82
CA ASN B 163 32.58 -31.05 -37.79
C ASN B 163 33.03 -31.46 -36.40
N LEU B 164 32.37 -30.91 -35.38
CA LEU B 164 32.66 -31.23 -33.98
C LEU B 164 32.46 -32.73 -33.73
N GLU B 165 31.40 -33.28 -34.33
CA GLU B 165 31.05 -34.69 -34.23
C GLU B 165 32.19 -35.55 -34.81
N ASN B 166 32.57 -35.25 -36.06
CA ASN B 166 33.64 -35.97 -36.75
C ASN B 166 35.00 -35.74 -36.08
N ASP B 167 35.09 -34.63 -35.32
CA ASP B 167 36.32 -34.27 -34.62
C ASP B 167 36.41 -35.01 -33.28
N GLY B 168 35.38 -35.79 -32.95
CA GLY B 168 35.40 -36.56 -31.71
C GLY B 168 34.83 -35.87 -30.47
N TRP B 169 34.19 -34.72 -30.65
CA TRP B 169 33.60 -33.98 -29.54
C TRP B 169 32.17 -34.42 -29.25
N LYS B 170 31.84 -34.48 -27.96
CA LYS B 170 30.50 -34.82 -27.50
C LYS B 170 29.95 -33.43 -27.14
N ILE B 171 28.78 -33.11 -27.65
CA ILE B 171 28.16 -31.81 -27.42
C ILE B 171 26.82 -31.86 -26.72
N ALA B 172 26.71 -31.10 -25.64
CA ALA B 172 25.47 -30.95 -24.89
C ALA B 172 24.93 -29.64 -25.43
N LYS B 173 23.80 -29.71 -26.13
CA LYS B 173 23.20 -28.52 -26.73
C LYS B 173 22.09 -27.93 -25.89
N ALA B 174 21.84 -26.64 -26.14
CA ALA B 174 20.79 -25.89 -25.47
C ALA B 174 20.25 -24.91 -26.48
N LYS B 175 19.02 -24.46 -26.27
CA LYS B 175 18.39 -23.51 -27.17
C LYS B 175 17.81 -22.34 -26.38
N TYR B 176 18.15 -21.13 -26.83
CA TYR B 176 17.65 -19.90 -26.24
C TYR B 176 17.00 -19.18 -27.40
N GLY B 177 15.66 -19.09 -27.34
CA GLY B 177 14.92 -18.47 -28.43
C GLY B 177 14.90 -19.47 -29.58
N SER B 178 15.44 -19.06 -30.73
CA SER B 178 15.48 -19.95 -31.90
C SER B 178 16.92 -20.40 -32.15
N GLU B 179 17.84 -19.92 -31.32
CA GLU B 179 19.26 -20.24 -31.46
C GLU B 179 19.77 -21.39 -30.59
N GLU B 180 20.42 -22.35 -31.24
CA GLU B 180 21.03 -23.49 -30.58
C GLU B 180 22.49 -23.16 -30.35
N PHE B 181 22.99 -23.50 -29.15
CA PHE B 181 24.37 -23.23 -28.79
C PHE B 181 24.91 -24.34 -27.91
N ILE B 182 26.22 -24.31 -27.67
CA ILE B 182 26.89 -25.31 -26.85
C ILE B 182 26.72 -24.99 -25.37
N ALA B 183 26.07 -25.90 -24.64
CA ALA B 183 25.86 -25.78 -23.22
C ALA B 183 27.05 -26.45 -22.51
N ALA B 184 27.60 -27.47 -23.15
CA ALA B 184 28.74 -28.20 -22.61
C ALA B 184 29.44 -29.04 -23.68
N VAL B 185 30.73 -29.26 -23.49
CA VAL B 185 31.55 -30.04 -24.41
C VAL B 185 32.31 -31.10 -23.63
N ASN B 186 32.68 -32.17 -24.33
CA ASN B 186 33.44 -33.27 -23.76
C ASN B 186 34.15 -34.07 -24.86
N LYS B 187 35.48 -34.13 -24.74
CA LYS B 187 36.33 -34.89 -25.65
C LYS B 187 37.48 -35.37 -24.79
N ASN B 188 37.73 -36.67 -24.79
CA ASN B 188 38.79 -37.31 -23.98
C ASN B 188 38.73 -36.83 -22.53
N ASN B 189 39.77 -36.12 -22.09
CA ASN B 189 39.88 -35.60 -20.72
C ASN B 189 39.35 -34.18 -20.53
N ILE B 190 38.88 -33.56 -21.61
CA ILE B 190 38.35 -32.20 -21.56
C ILE B 190 36.84 -32.14 -21.36
N PHE B 191 36.43 -31.39 -20.33
CA PHE B 191 35.03 -31.16 -20.00
C PHE B 191 34.89 -29.66 -19.74
N ALA B 192 33.77 -29.09 -20.17
CA ALA B 192 33.53 -27.66 -19.97
C ALA B 192 32.07 -27.35 -20.12
N THR B 193 31.59 -26.42 -19.29
CA THR B 193 30.20 -26.01 -19.31
C THR B 193 30.07 -24.51 -19.50
N GLN B 194 29.07 -24.11 -20.29
CA GLN B 194 28.79 -22.70 -20.57
C GLN B 194 28.04 -22.13 -19.36
N PHE B 195 27.29 -23.00 -18.67
CA PHE B 195 26.54 -22.60 -17.49
C PHE B 195 27.43 -22.72 -16.25
N HIS B 196 26.99 -22.11 -15.16
CA HIS B 196 27.72 -22.13 -13.89
C HIS B 196 27.15 -23.21 -12.96
N PRO B 197 27.83 -24.36 -12.85
CA PRO B 197 27.39 -25.47 -12.00
C PRO B 197 27.34 -25.08 -10.52
N GLU B 198 28.31 -24.25 -10.10
CA GLU B 198 28.39 -23.77 -8.71
C GLU B 198 27.25 -22.81 -8.37
N LYS B 199 26.49 -22.43 -9.41
CA LYS B 199 25.37 -21.51 -9.26
C LYS B 199 24.07 -22.19 -9.65
N SER B 200 24.15 -23.49 -9.95
CA SER B 200 22.99 -24.27 -10.39
C SER B 200 22.39 -25.18 -9.32
N GLY B 201 22.57 -24.83 -8.05
CA GLY B 201 22.02 -25.64 -6.97
C GLY B 201 22.50 -27.08 -6.97
N LYS B 202 21.69 -27.98 -6.41
CA LYS B 202 22.01 -29.41 -6.32
C LYS B 202 22.34 -30.04 -7.68
N ALA B 203 21.59 -29.65 -8.71
CA ALA B 203 21.81 -30.17 -10.07
C ALA B 203 23.22 -29.79 -10.52
N GLY B 204 23.65 -28.60 -10.11
CA GLY B 204 24.97 -28.09 -10.46
C GLY B 204 26.06 -28.81 -9.67
N LEU B 205 25.83 -29.02 -8.38
CA LEU B 205 26.79 -29.70 -7.50
C LEU B 205 27.04 -31.13 -8.02
N ASN B 206 25.98 -31.74 -8.56
CA ASN B 206 26.06 -33.10 -9.12
C ASN B 206 26.99 -33.14 -10.32
N VAL B 207 26.92 -32.10 -11.16
CA VAL B 207 27.77 -32.03 -12.36
C VAL B 207 29.23 -31.96 -11.93
N ILE B 208 29.52 -31.16 -10.90
CA ILE B 208 30.87 -31.01 -10.37
C ILE B 208 31.35 -32.35 -9.77
N GLU B 209 30.49 -32.98 -8.95
CA GLU B 209 30.81 -34.27 -8.34
C GLU B 209 31.07 -35.33 -9.41
N ASN B 210 30.26 -35.31 -10.47
CA ASN B 210 30.39 -36.28 -11.57
C ASN B 210 31.74 -36.11 -12.29
N PHE B 211 32.19 -34.87 -12.46
CA PHE B 211 33.48 -34.59 -13.11
C PHE B 211 34.64 -35.04 -12.20
N LEU B 212 34.57 -34.67 -10.93
CA LEU B 212 35.62 -35.02 -9.95
C LEU B 212 35.76 -36.54 -9.74
N LYS B 213 34.65 -37.26 -9.90
CA LYS B 213 34.63 -38.72 -9.75
C LYS B 213 34.65 -39.38 -11.11
N GLN B 214 34.82 -38.58 -12.17
CA GLN B 214 34.87 -39.04 -13.56
C GLN B 214 33.83 -40.12 -13.86
N GLN B 215 32.56 -39.72 -13.79
CA GLN B 215 31.43 -40.62 -14.05
C GLN B 215 30.31 -39.92 -14.80
N SER B 216 29.63 -40.70 -15.64
CA SER B 216 28.51 -40.21 -16.43
C SER B 216 27.31 -41.10 -16.09
N PRO B 217 26.73 -40.92 -14.88
CA PRO B 217 25.58 -41.71 -14.42
C PRO B 217 24.40 -41.54 -15.36
N PRO B 218 23.51 -42.55 -15.44
CA PRO B 218 22.33 -42.47 -16.31
C PRO B 218 21.32 -41.50 -15.70
N ILE B 219 20.49 -40.88 -16.55
CA ILE B 219 19.49 -39.95 -16.04
C ILE B 219 18.38 -40.76 -15.38
N PRO B 220 17.84 -40.29 -14.24
CA PRO B 220 16.78 -40.97 -13.50
C PRO B 220 15.68 -41.48 -14.42
N ASN B 221 15.05 -42.59 -14.03
CA ASN B 221 14.00 -43.20 -14.82
C ASN B 221 12.66 -42.47 -14.60
N TYR B 222 12.51 -41.35 -15.30
CA TYR B 222 11.31 -40.52 -15.21
C TYR B 222 10.16 -41.18 -15.96
N SER B 223 8.94 -40.92 -15.51
CA SER B 223 7.73 -41.44 -16.12
C SER B 223 7.31 -40.47 -17.23
N ALA B 224 6.42 -40.91 -18.10
CA ALA B 224 5.94 -40.08 -19.22
C ALA B 224 5.23 -38.84 -18.69
N GLU B 225 4.83 -38.90 -17.42
CA GLU B 225 4.12 -37.82 -16.73
C GLU B 225 5.10 -36.78 -16.20
N GLU B 226 6.23 -37.28 -15.68
CA GLU B 226 7.30 -36.44 -15.12
C GLU B 226 8.04 -35.69 -16.22
N LYS B 227 8.33 -36.39 -17.32
CA LYS B 227 9.04 -35.81 -18.47
C LYS B 227 8.25 -34.68 -19.11
N GLU B 228 6.96 -34.92 -19.34
CA GLU B 228 6.05 -33.96 -19.94
C GLU B 228 5.92 -32.67 -19.09
N LEU B 229 6.16 -32.82 -17.80
CA LEU B 229 6.08 -31.72 -16.85
C LEU B 229 7.41 -30.96 -16.75
N LEU B 230 8.51 -31.71 -16.72
CA LEU B 230 9.87 -31.16 -16.59
C LEU B 230 10.55 -30.73 -17.89
N MET B 231 10.03 -31.18 -19.04
CA MET B 231 10.62 -30.84 -20.34
C MET B 231 10.53 -29.34 -20.62
N ASN B 232 11.44 -28.84 -21.44
CA ASN B 232 11.47 -27.44 -21.83
C ASN B 232 10.50 -27.30 -23.00
N ASP B 233 9.48 -26.45 -22.86
CA ASP B 233 8.49 -26.22 -23.91
C ASP B 233 8.84 -24.99 -24.74
N TYR B 234 9.95 -24.35 -24.36
CA TYR B 234 10.51 -23.16 -25.00
C TYR B 234 9.62 -21.92 -24.96
N SER B 235 8.78 -21.89 -23.93
CA SER B 235 8.02 -20.74 -23.57
C SER B 235 9.05 -19.85 -22.87
N ASN B 236 8.89 -18.51 -22.85
CA ASN B 236 9.86 -17.61 -22.23
C ASN B 236 11.29 -17.95 -22.73
N TYR B 237 11.38 -18.17 -24.05
CA TYR B 237 12.60 -18.47 -24.79
C TYR B 237 13.40 -19.72 -24.36
N GLY B 238 12.83 -20.50 -23.46
CA GLY B 238 13.51 -21.70 -22.99
C GLY B 238 13.96 -21.57 -21.54
N LEU B 239 13.78 -20.38 -20.98
CA LEU B 239 14.13 -20.09 -19.60
C LEU B 239 12.92 -20.31 -18.68
N THR B 240 13.17 -20.83 -17.48
CA THR B 240 12.09 -21.04 -16.51
C THR B 240 11.66 -19.68 -16.01
N ARG B 241 10.51 -19.64 -15.34
CA ARG B 241 10.01 -18.39 -14.76
C ARG B 241 10.85 -18.18 -13.50
N ARG B 242 11.76 -17.22 -13.59
CA ARG B 242 12.72 -16.88 -12.54
C ARG B 242 12.12 -16.13 -11.34
N ILE B 243 12.20 -16.77 -10.17
CA ILE B 243 11.69 -16.22 -8.91
C ILE B 243 12.85 -15.75 -8.04
N ILE B 244 12.92 -14.42 -7.84
CA ILE B 244 13.98 -13.82 -7.05
C ILE B 244 13.50 -13.38 -5.66
N ALA B 245 14.28 -13.76 -4.64
CA ALA B 245 14.00 -13.35 -3.24
C ALA B 245 14.92 -12.15 -2.87
N CYS B 246 14.39 -11.01 -2.31
CA CYS B 246 15.27 -9.84 -1.93
C CYS B 246 15.21 -9.44 -0.49
N LEU B 247 16.37 -9.28 0.06
CA LEU B 247 16.41 -8.84 1.40
C LEU B 247 17.28 -7.61 1.59
N ASP B 248 16.64 -6.68 2.34
CA ASP B 248 17.15 -5.42 2.79
C ASP B 248 18.08 -5.70 3.98
N VAL B 249 19.22 -5.00 4.01
CA VAL B 249 20.26 -5.12 5.06
C VAL B 249 20.49 -3.74 5.70
N ARG B 250 20.06 -3.62 6.95
CA ARG B 250 20.18 -2.38 7.71
C ARG B 250 20.99 -2.59 8.97
N THR B 251 21.46 -1.48 9.53
CA THR B 251 22.24 -1.46 10.76
C THR B 251 21.38 -0.80 11.83
N ASN B 252 21.15 -1.51 12.94
CA ASN B 252 20.33 -0.98 14.04
C ASN B 252 21.16 -0.08 14.97
N ASP B 253 20.71 0.01 16.22
CA ASP B 253 21.35 0.83 17.26
C ASP B 253 22.71 0.26 17.68
N GLN B 254 22.75 -1.05 17.91
CA GLN B 254 23.96 -1.77 18.31
C GLN B 254 25.02 -1.82 17.21
N GLY B 255 24.58 -1.57 15.97
CA GLY B 255 25.48 -1.59 14.83
C GLY B 255 25.47 -2.92 14.10
N ASP B 256 24.54 -3.79 14.49
CA ASP B 256 24.38 -5.12 13.90
C ASP B 256 23.47 -5.08 12.68
N LEU B 257 23.63 -6.05 11.78
CA LEU B 257 22.84 -6.12 10.56
C LEU B 257 21.54 -6.92 10.71
N VAL B 258 20.45 -6.33 10.24
CA VAL B 258 19.12 -6.95 10.29
C VAL B 258 18.37 -6.77 8.97
N VAL B 259 17.23 -7.45 8.86
CA VAL B 259 16.40 -7.41 7.67
C VAL B 259 15.08 -6.69 7.85
N THR B 260 14.80 -5.70 6.95
CA THR B 260 13.53 -4.91 7.08
C THR B 260 12.84 -4.59 5.80
N LYS B 261 11.64 -4.03 5.96
CA LYS B 261 10.86 -3.62 4.81
C LYS B 261 10.55 -2.13 4.86
N LEU B 279 25.33 -9.82 12.38
CA LEU B 279 25.11 -9.93 10.95
C LEU B 279 24.55 -11.32 10.58
N GLY B 280 24.12 -12.06 11.60
CA GLY B 280 23.60 -13.40 11.39
C GLY B 280 22.24 -13.56 10.72
N LYS B 281 21.31 -12.63 10.97
CA LYS B 281 19.96 -12.70 10.40
C LYS B 281 19.88 -12.65 8.86
N PRO B 282 20.69 -11.78 8.20
CA PRO B 282 20.66 -11.70 6.74
C PRO B 282 21.14 -13.02 6.12
N VAL B 283 22.22 -13.56 6.69
CA VAL B 283 22.81 -14.82 6.25
C VAL B 283 21.82 -15.98 6.36
N GLN B 284 21.17 -16.08 7.52
CA GLN B 284 20.20 -17.15 7.79
C GLN B 284 18.94 -17.06 6.93
N LEU B 285 18.50 -15.83 6.66
CA LEU B 285 17.30 -15.60 5.83
C LEU B 285 17.63 -15.99 4.38
N ALA B 286 18.85 -15.67 3.96
CA ALA B 286 19.31 -16.00 2.61
C ALA B 286 19.36 -17.52 2.43
N GLN B 287 19.83 -18.22 3.47
CA GLN B 287 19.93 -19.68 3.46
C GLN B 287 18.53 -20.31 3.41
N LYS B 288 17.61 -19.69 4.14
CA LYS B 288 16.22 -20.14 4.20
C LYS B 288 15.60 -19.97 2.80
N TYR B 289 15.83 -18.81 2.18
CA TYR B 289 15.32 -18.51 0.84
C TYR B 289 15.82 -19.53 -0.18
N TYR B 290 17.08 -19.92 -0.02
CA TYR B 290 17.72 -20.89 -0.90
C TYR B 290 17.11 -22.28 -0.70
N GLN B 291 16.93 -22.66 0.57
CA GLN B 291 16.36 -23.95 0.95
C GLN B 291 14.89 -24.07 0.53
N GLN B 292 14.22 -22.92 0.41
CA GLN B 292 12.82 -22.88 0.03
C GLN B 292 12.55 -22.60 -1.46
N GLY B 293 13.58 -22.75 -2.29
CA GLY B 293 13.34 -22.63 -3.73
C GLY B 293 13.86 -21.38 -4.50
N ALA B 294 14.32 -20.34 -3.84
CA ALA B 294 14.78 -19.12 -4.51
C ALA B 294 15.76 -19.39 -5.65
N ASP B 295 15.52 -18.78 -6.81
CA ASP B 295 16.40 -18.95 -7.97
C ASP B 295 17.57 -18.00 -7.89
N GLU B 296 17.39 -16.95 -7.08
CA GLU B 296 18.37 -15.89 -6.88
C GLU B 296 18.08 -15.21 -5.55
N VAL B 297 19.13 -14.67 -4.94
CA VAL B 297 18.99 -13.94 -3.69
C VAL B 297 19.67 -12.59 -3.87
N THR B 298 18.90 -11.53 -3.68
CA THR B 298 19.39 -10.16 -3.81
C THR B 298 19.48 -9.50 -2.42
N PHE B 299 20.63 -8.88 -2.16
CA PHE B 299 20.86 -8.18 -0.91
C PHE B 299 20.92 -6.68 -1.19
N LEU B 300 20.04 -5.92 -0.55
CA LEU B 300 20.03 -4.47 -0.70
C LEU B 300 20.69 -3.90 0.56
N ASN B 301 21.94 -3.47 0.35
CA ASN B 301 22.77 -2.89 1.38
C ASN B 301 22.45 -1.43 1.63
N ILE B 302 21.70 -1.29 2.70
CA ILE B 302 21.33 0.02 3.13
C ILE B 302 21.92 0.38 4.49
N THR B 303 23.05 -0.15 4.85
CA THR B 303 23.68 0.12 6.16
C THR B 303 24.45 1.44 6.17
N CYS B 308 33.87 3.22 8.77
CA CYS B 308 34.20 1.83 8.48
C CYS B 308 34.90 1.68 7.12
N PRO B 309 36.13 1.12 7.12
CA PRO B 309 36.94 0.90 5.91
C PRO B 309 36.27 -0.08 4.94
N LEU B 310 36.57 0.10 3.65
CA LEU B 310 36.00 -0.75 2.59
C LEU B 310 36.27 -2.25 2.82
N LYS B 311 37.50 -2.58 3.18
CA LYS B 311 37.92 -3.97 3.43
C LYS B 311 37.11 -4.65 4.55
N ASP B 312 36.67 -3.85 5.53
CA ASP B 312 35.92 -4.34 6.69
C ASP B 312 34.40 -4.16 6.62
N THR B 313 33.88 -3.84 5.44
CA THR B 313 32.44 -3.65 5.25
C THR B 313 31.65 -4.91 5.64
N PRO B 314 30.72 -4.80 6.60
CA PRO B 314 29.87 -5.89 7.11
C PRO B 314 29.17 -6.74 6.03
N MET B 315 28.68 -6.07 4.98
CA MET B 315 27.98 -6.72 3.86
C MET B 315 28.86 -7.77 3.13
N LEU B 316 30.17 -7.51 3.06
CA LEU B 316 31.12 -8.43 2.42
C LEU B 316 31.18 -9.77 3.13
N GLU B 317 31.09 -9.71 4.46
CA GLU B 317 31.13 -10.90 5.31
C GLU B 317 29.81 -11.68 5.21
N VAL B 318 28.72 -10.98 4.92
CA VAL B 318 27.40 -11.60 4.76
C VAL B 318 27.42 -12.45 3.49
N LEU B 319 28.05 -11.91 2.44
CA LEU B 319 28.20 -12.60 1.17
C LEU B 319 29.03 -13.84 1.35
N LYS B 320 30.17 -13.69 2.04
CA LYS B 320 31.10 -14.79 2.33
C LYS B 320 30.40 -15.94 3.05
N GLN B 321 29.61 -15.61 4.08
CA GLN B 321 28.87 -16.60 4.86
C GLN B 321 27.75 -17.26 4.08
N ALA B 322 26.99 -16.44 3.34
CA ALA B 322 25.88 -16.92 2.54
C ALA B 322 26.39 -17.83 1.42
N ALA B 323 27.54 -17.46 0.86
CA ALA B 323 28.17 -18.19 -0.23
C ALA B 323 28.70 -19.57 0.13
N LYS B 324 28.60 -19.94 1.42
CA LYS B 324 29.07 -21.24 1.88
C LYS B 324 28.05 -22.35 1.64
N THR B 325 26.76 -21.98 1.65
CA THR B 325 25.68 -22.93 1.45
C THR B 325 24.68 -22.56 0.36
N VAL B 326 24.63 -21.29 -0.02
CA VAL B 326 23.70 -20.82 -1.05
C VAL B 326 24.31 -20.94 -2.45
N PHE B 327 23.91 -22.00 -3.16
CA PHE B 327 24.42 -22.28 -4.50
C PHE B 327 23.51 -21.83 -5.65
N VAL B 328 23.17 -20.54 -5.61
CA VAL B 328 22.39 -19.84 -6.63
C VAL B 328 23.02 -18.47 -6.68
N PRO B 329 22.85 -17.73 -7.78
CA PRO B 329 23.43 -16.39 -7.90
C PRO B 329 23.01 -15.41 -6.80
N LEU B 330 23.96 -14.57 -6.39
CA LEU B 330 23.75 -13.57 -5.36
C LEU B 330 24.01 -12.19 -5.94
N THR B 331 23.07 -11.28 -5.70
CA THR B 331 23.17 -9.90 -6.17
C THR B 331 23.28 -9.00 -4.97
N VAL B 332 24.14 -7.99 -5.08
CA VAL B 332 24.32 -7.02 -4.00
C VAL B 332 24.19 -5.62 -4.56
N GLY B 333 23.45 -4.77 -3.86
CA GLY B 333 23.27 -3.41 -4.31
C GLY B 333 23.40 -2.47 -3.13
N GLY B 334 23.84 -1.24 -3.38
CA GLY B 334 23.98 -0.27 -2.32
C GLY B 334 25.38 0.27 -2.16
N GLY B 335 25.60 1.50 -2.61
CA GLY B 335 26.90 2.13 -2.50
C GLY B 335 27.95 1.71 -3.50
N ILE B 336 27.54 1.13 -4.63
CA ILE B 336 28.47 0.72 -5.68
C ILE B 336 28.68 1.94 -6.56
N LYS B 337 29.82 2.60 -6.33
CA LYS B 337 30.23 3.82 -7.05
C LYS B 337 31.67 4.11 -6.70
N ASP B 338 32.18 5.25 -7.19
CA ASP B 338 33.55 5.68 -6.88
C ASP B 338 33.47 6.22 -5.45
N ILE B 339 34.33 5.71 -4.57
CA ILE B 339 34.33 6.14 -3.17
C ILE B 339 35.67 6.65 -2.69
N VAL B 340 35.64 7.26 -1.54
CA VAL B 340 36.77 7.77 -0.82
C VAL B 340 36.76 6.98 0.47
N ASP B 341 37.64 5.97 0.59
CA ASP B 341 37.74 5.13 1.77
C ASP B 341 38.07 5.95 3.02
N VAL B 342 38.01 5.30 4.18
CA VAL B 342 38.29 5.94 5.48
C VAL B 342 39.69 6.58 5.52
N ASP B 343 40.65 6.01 4.79
CA ASP B 343 42.01 6.52 4.75
C ASP B 343 42.23 7.58 3.66
N GLY B 344 41.17 7.93 2.95
CA GLY B 344 41.27 8.95 1.91
C GLY B 344 41.56 8.44 0.51
N THR B 345 41.98 7.18 0.41
CA THR B 345 42.29 6.54 -0.88
C THR B 345 41.10 6.57 -1.82
N LYS B 346 41.34 6.99 -3.07
CA LYS B 346 40.31 7.06 -4.10
C LYS B 346 40.18 5.68 -4.75
N ILE B 347 39.06 5.02 -4.45
CA ILE B 347 38.76 3.69 -4.97
C ILE B 347 37.63 3.79 -6.00
N PRO B 348 37.94 3.52 -7.28
CA PRO B 348 36.95 3.58 -8.36
C PRO B 348 35.92 2.45 -8.22
N ALA B 349 34.70 2.69 -8.70
CA ALA B 349 33.60 1.72 -8.63
C ALA B 349 33.98 0.30 -9.06
N LEU B 350 34.91 0.19 -10.02
CA LEU B 350 35.36 -1.11 -10.52
C LEU B 350 36.00 -1.96 -9.43
N GLU B 351 36.82 -1.31 -8.60
CA GLU B 351 37.50 -1.99 -7.49
C GLU B 351 36.57 -2.36 -6.36
N VAL B 352 35.51 -1.56 -6.18
CA VAL B 352 34.49 -1.80 -5.15
C VAL B 352 33.71 -3.06 -5.52
N ALA B 353 33.32 -3.13 -6.80
CA ALA B 353 32.57 -4.27 -7.33
C ALA B 353 33.41 -5.54 -7.28
N SER B 354 34.71 -5.41 -7.60
CA SER B 354 35.65 -6.53 -7.57
C SER B 354 35.73 -7.13 -6.19
N LEU B 355 35.75 -6.26 -5.18
CA LEU B 355 35.83 -6.68 -3.78
C LEU B 355 34.58 -7.51 -3.41
N TYR B 356 33.40 -7.04 -3.82
CA TYR B 356 32.13 -7.72 -3.56
C TYR B 356 32.05 -9.06 -4.31
N PHE B 357 32.59 -9.09 -5.52
CA PHE B 357 32.59 -10.30 -6.35
C PHE B 357 33.42 -11.39 -5.70
N ARG B 358 34.65 -11.05 -5.30
CA ARG B 358 35.57 -11.99 -4.65
C ARG B 358 35.05 -12.43 -3.28
N SER B 359 34.06 -11.70 -2.78
CA SER B 359 33.44 -11.99 -1.49
C SER B 359 32.23 -12.90 -1.58
N GLY B 360 31.76 -13.14 -2.81
CA GLY B 360 30.61 -14.01 -3.00
C GLY B 360 29.51 -13.52 -3.91
N ALA B 361 29.52 -12.23 -4.23
CA ALA B 361 28.52 -11.62 -5.11
C ALA B 361 28.77 -12.01 -6.58
N ASP B 362 27.70 -12.17 -7.34
CA ASP B 362 27.78 -12.54 -8.75
C ASP B 362 27.42 -11.37 -9.65
N LYS B 363 26.64 -10.46 -9.10
CA LYS B 363 26.20 -9.27 -9.80
C LYS B 363 26.09 -8.13 -8.79
N VAL B 364 26.31 -6.90 -9.27
CA VAL B 364 26.17 -5.72 -8.43
C VAL B 364 25.04 -4.89 -9.00
N SER B 365 24.29 -4.24 -8.11
CA SER B 365 23.17 -3.41 -8.52
C SER B 365 23.58 -1.95 -8.36
N ILE B 366 23.27 -1.13 -9.36
CA ILE B 366 23.58 0.30 -9.36
C ILE B 366 22.26 1.08 -9.40
N GLY B 367 22.06 1.95 -8.42
CA GLY B 367 20.85 2.76 -8.37
C GLY B 367 21.13 4.23 -8.63
N THR B 368 21.54 4.95 -7.58
CA THR B 368 21.86 6.38 -7.64
C THR B 368 22.84 6.78 -8.74
N ASP B 369 23.96 6.09 -8.82
CA ASP B 369 24.98 6.39 -9.85
C ASP B 369 24.53 6.10 -11.28
N ALA B 370 23.47 5.30 -11.41
CA ALA B 370 22.92 4.93 -12.72
C ALA B 370 22.18 6.11 -13.32
N VAL B 371 21.50 6.88 -12.46
CA VAL B 371 20.74 8.05 -12.88
C VAL B 371 21.71 9.16 -13.31
N TYR B 372 22.81 9.29 -12.56
CA TYR B 372 23.84 10.29 -12.84
C TYR B 372 24.52 10.02 -14.17
N ALA B 373 24.93 8.76 -14.37
CA ALA B 373 25.58 8.31 -15.59
C ALA B 373 24.70 8.49 -16.81
N ALA B 374 23.39 8.28 -16.63
CA ALA B 374 22.41 8.41 -17.70
C ALA B 374 22.22 9.87 -18.10
N GLU B 375 22.22 10.77 -17.11
CA GLU B 375 22.06 12.20 -17.37
C GLU B 375 23.27 12.72 -18.12
N LYS B 376 24.44 12.25 -17.70
CA LYS B 376 25.72 12.62 -18.30
C LYS B 376 25.74 12.13 -19.75
N TYR B 377 25.25 10.91 -19.95
CA TYR B 377 25.18 10.26 -21.26
C TYR B 377 24.46 11.12 -22.30
N TYR B 378 23.32 11.70 -21.90
CA TYR B 378 22.53 12.53 -22.79
C TYR B 378 23.14 13.89 -23.08
N GLU B 379 23.97 14.38 -22.15
CA GLU B 379 24.64 15.66 -22.29
C GLU B 379 25.78 15.56 -23.30
N LEU B 380 26.44 14.39 -23.31
CA LEU B 380 27.57 14.12 -24.20
C LEU B 380 27.11 13.74 -25.61
N GLY B 381 25.80 13.82 -25.84
CA GLY B 381 25.24 13.49 -27.14
C GLY B 381 25.06 12.00 -27.38
N ASN B 382 24.52 11.33 -26.36
CA ASN B 382 24.26 9.88 -26.34
C ASN B 382 25.53 9.01 -26.43
N ARG B 383 26.52 9.37 -25.62
CA ARG B 383 27.79 8.62 -25.56
C ARG B 383 28.30 8.63 -24.15
N GLY B 384 29.15 7.69 -23.83
CA GLY B 384 29.74 7.62 -22.51
C GLY B 384 31.20 8.04 -22.59
N ASP B 385 31.77 8.43 -21.46
CA ASP B 385 33.18 8.83 -21.40
C ASP B 385 34.03 7.67 -20.86
N GLY B 386 33.37 6.53 -20.66
CA GLY B 386 34.03 5.33 -20.18
C GLY B 386 34.44 5.33 -18.72
N THR B 387 33.93 6.27 -17.94
CA THR B 387 34.30 6.37 -16.51
C THR B 387 33.22 5.97 -15.50
N SER B 388 31.99 5.78 -15.96
CA SER B 388 30.88 5.41 -15.07
C SER B 388 30.99 3.95 -14.60
N PRO B 389 30.47 3.64 -13.40
CA PRO B 389 30.48 2.29 -12.82
C PRO B 389 29.93 1.26 -13.81
N ILE B 390 28.87 1.66 -14.51
CA ILE B 390 28.22 0.80 -15.52
C ILE B 390 29.23 0.42 -16.61
N GLU B 391 29.96 1.41 -17.12
CA GLU B 391 30.94 1.19 -18.17
C GLU B 391 32.16 0.37 -17.77
N THR B 392 32.81 0.73 -16.67
CA THR B 392 34.01 0.02 -16.19
C THR B 392 33.78 -1.39 -15.70
N ILE B 393 32.67 -1.60 -14.98
CA ILE B 393 32.33 -2.92 -14.45
C ILE B 393 31.91 -3.89 -15.56
N SER B 394 31.13 -3.40 -16.52
CA SER B 394 30.67 -4.24 -17.62
C SER B 394 31.76 -4.60 -18.62
N LYS B 395 32.78 -3.76 -18.74
CA LYS B 395 33.89 -4.02 -19.67
C LYS B 395 34.85 -5.05 -19.09
N ALA B 396 34.86 -5.12 -17.76
CA ALA B 396 35.73 -6.06 -17.05
C ALA B 396 35.02 -7.39 -16.78
N TYR B 397 33.79 -7.32 -16.28
CA TYR B 397 33.02 -8.51 -15.94
C TYR B 397 31.87 -8.87 -16.86
N GLY B 398 31.63 -8.04 -17.88
CA GLY B 398 30.55 -8.30 -18.81
C GLY B 398 29.25 -7.64 -18.38
N ALA B 399 28.32 -7.47 -19.31
CA ALA B 399 27.02 -6.85 -19.03
C ALA B 399 26.21 -7.63 -17.99
N GLN B 400 26.35 -8.95 -18.01
CA GLN B 400 25.64 -9.85 -17.09
C GLN B 400 25.96 -9.61 -15.62
N ALA B 401 27.01 -8.83 -15.35
CA ALA B 401 27.43 -8.53 -13.99
C ALA B 401 26.87 -7.22 -13.47
N VAL B 402 26.22 -6.45 -14.35
CA VAL B 402 25.66 -5.16 -13.97
C VAL B 402 24.14 -5.08 -14.04
N VAL B 403 23.54 -4.74 -12.90
CA VAL B 403 22.09 -4.60 -12.76
C VAL B 403 21.80 -3.16 -12.44
N ILE B 404 20.76 -2.60 -13.06
CA ILE B 404 20.36 -1.23 -12.81
C ILE B 404 19.12 -1.26 -11.96
N SER B 405 19.22 -0.66 -10.78
CA SER B 405 18.10 -0.60 -9.85
C SER B 405 17.35 0.69 -10.15
N VAL B 406 16.15 0.54 -10.67
CA VAL B 406 15.29 1.67 -11.05
C VAL B 406 14.21 1.88 -9.99
N ASP B 407 14.15 3.09 -9.46
CA ASP B 407 13.21 3.48 -8.40
C ASP B 407 12.35 4.62 -8.94
N PRO B 408 11.35 4.29 -9.75
CA PRO B 408 10.42 5.22 -10.39
C PRO B 408 9.11 5.50 -9.68
N LYS B 409 8.43 6.52 -10.20
CA LYS B 409 7.11 6.93 -9.74
C LYS B 409 6.39 7.60 -10.91
N ARG B 410 5.10 7.27 -11.06
CA ARG B 410 4.26 7.79 -12.12
C ARG B 410 3.97 9.27 -11.97
N VAL B 411 4.09 9.98 -13.09
CA VAL B 411 3.82 11.41 -13.18
C VAL B 411 2.88 11.60 -14.36
N TYR B 412 1.69 12.13 -14.09
CA TYR B 412 0.68 12.37 -15.12
C TYR B 412 0.84 13.69 -15.86
N VAL B 413 0.49 13.66 -17.14
CA VAL B 413 0.55 14.83 -18.03
C VAL B 413 -0.63 14.71 -19.00
N ASN B 414 -1.12 15.86 -19.49
CA ASN B 414 -2.24 15.87 -20.42
C ASN B 414 -1.85 15.41 -21.83
N SER B 415 -0.59 15.65 -22.17
CA SER B 415 -0.02 15.26 -23.48
C SER B 415 1.51 15.25 -23.44
N GLN B 416 2.11 14.78 -24.53
CA GLN B 416 3.58 14.71 -24.67
C GLN B 416 4.19 16.12 -24.65
N ALA B 417 3.35 17.12 -24.94
CA ALA B 417 3.76 18.53 -24.98
C ALA B 417 4.10 19.10 -23.60
N ASP B 418 3.66 18.42 -22.55
CA ASP B 418 3.88 18.87 -21.18
C ASP B 418 5.21 18.44 -20.57
N THR B 419 5.98 17.64 -21.31
CA THR B 419 7.28 17.16 -20.82
C THR B 419 8.22 16.70 -21.94
N LYS B 420 9.52 16.79 -21.67
CA LYS B 420 10.56 16.38 -22.62
C LYS B 420 10.77 14.86 -22.57
N ASN B 421 10.32 14.25 -21.48
CA ASN B 421 10.43 12.82 -21.26
C ASN B 421 9.33 12.06 -21.99
N LYS B 422 9.72 10.91 -22.54
CA LYS B 422 8.82 10.03 -23.29
C LYS B 422 7.65 9.56 -22.42
N VAL B 423 6.43 9.75 -22.91
CA VAL B 423 5.22 9.34 -22.21
C VAL B 423 4.54 8.24 -23.00
N PHE B 424 3.57 7.58 -22.37
CA PHE B 424 2.80 6.52 -23.01
C PHE B 424 1.36 6.68 -22.56
N GLU B 425 0.43 6.18 -23.37
CA GLU B 425 -0.99 6.27 -23.04
C GLU B 425 -1.33 5.15 -22.07
N THR B 426 -1.89 5.54 -20.93
CA THR B 426 -2.26 4.61 -19.88
C THR B 426 -3.76 4.30 -19.92
N GLU B 427 -4.12 3.16 -19.34
CA GLU B 427 -5.51 2.70 -19.28
C GLU B 427 -6.15 3.36 -18.05
N TYR B 428 -5.30 3.90 -17.18
CA TYR B 428 -5.76 4.53 -15.94
C TYR B 428 -5.54 6.04 -15.92
N PRO B 429 -6.60 6.81 -16.19
CA PRO B 429 -6.58 8.27 -16.21
C PRO B 429 -6.14 8.88 -14.89
N GLY B 430 -5.48 10.02 -14.96
CA GLY B 430 -4.99 10.70 -13.76
C GLY B 430 -6.08 11.47 -13.02
N PRO B 431 -5.73 12.13 -11.90
CA PRO B 431 -6.63 12.92 -11.04
C PRO B 431 -7.52 13.90 -11.81
N ASN B 432 -6.95 14.52 -12.85
CA ASN B 432 -7.65 15.48 -13.68
C ASN B 432 -7.99 14.92 -15.06
N GLY B 433 -8.02 13.59 -15.16
CA GLY B 433 -8.35 12.93 -16.42
C GLY B 433 -7.24 12.71 -17.42
N GLU B 434 -5.99 12.96 -17.01
CA GLU B 434 -4.81 12.79 -17.86
C GLU B 434 -4.69 11.35 -18.38
N LYS B 435 -4.56 11.20 -19.69
CA LYS B 435 -4.48 9.90 -20.33
C LYS B 435 -3.05 9.46 -20.64
N TYR B 436 -2.09 10.32 -20.32
CA TYR B 436 -0.68 10.04 -20.56
C TYR B 436 0.13 10.20 -19.28
N CYS B 437 1.27 9.50 -19.23
CA CYS B 437 2.17 9.54 -18.08
C CYS B 437 3.55 9.06 -18.45
N TRP B 438 4.51 9.44 -17.62
CA TRP B 438 5.90 9.02 -17.74
C TRP B 438 6.30 8.68 -16.31
N TYR B 439 7.38 7.92 -16.16
CA TYR B 439 7.85 7.53 -14.83
C TYR B 439 9.14 8.27 -14.50
N GLN B 440 9.12 9.01 -13.39
CA GLN B 440 10.25 9.80 -12.94
C GLN B 440 11.19 8.99 -12.06
N CYS B 441 12.49 9.18 -12.30
CA CYS B 441 13.54 8.48 -11.55
C CYS B 441 13.89 9.21 -10.27
N THR B 442 14.23 8.44 -9.25
CA THR B 442 14.64 8.99 -7.97
C THR B 442 16.00 8.42 -7.64
N ILE B 443 16.68 9.04 -6.67
CA ILE B 443 18.00 8.60 -6.21
C ILE B 443 18.02 8.68 -4.70
N LYS B 444 19.09 8.14 -4.11
CA LYS B 444 19.30 8.13 -2.64
C LYS B 444 18.08 7.57 -1.87
N GLY B 445 17.72 6.32 -2.14
CA GLY B 445 16.60 5.69 -1.46
C GLY B 445 15.25 6.36 -1.67
N GLY B 446 15.10 7.06 -2.78
CA GLY B 446 13.86 7.73 -3.11
C GLY B 446 13.64 9.09 -2.46
N ARG B 447 14.69 9.62 -1.82
CA ARG B 447 14.61 10.92 -1.14
C ARG B 447 14.74 12.13 -2.05
N GLU B 448 15.19 11.90 -3.28
CA GLU B 448 15.40 12.98 -4.25
C GLU B 448 15.01 12.57 -5.68
N SER B 449 14.21 13.41 -6.33
CA SER B 449 13.76 13.18 -7.70
C SER B 449 14.69 13.85 -8.70
N ARG B 450 14.66 13.37 -9.93
CA ARG B 450 15.48 13.88 -11.02
C ARG B 450 14.61 14.02 -12.25
N ASP B 451 14.95 14.96 -13.12
CA ASP B 451 14.20 15.20 -14.34
C ASP B 451 14.65 14.24 -15.46
N LEU B 452 14.53 12.95 -15.15
CA LEU B 452 14.89 11.86 -16.06
C LEU B 452 13.79 10.82 -15.97
N GLY B 453 13.35 10.34 -17.13
CA GLY B 453 12.31 9.32 -17.17
C GLY B 453 12.91 7.93 -17.18
N VAL B 454 12.09 6.92 -16.89
CA VAL B 454 12.53 5.52 -16.85
C VAL B 454 12.93 5.05 -18.25
N TRP B 455 12.23 5.57 -19.25
CA TRP B 455 12.49 5.26 -20.66
C TRP B 455 13.91 5.72 -21.02
N GLU B 456 14.23 6.96 -20.65
CA GLU B 456 15.56 7.55 -20.91
C GLU B 456 16.67 6.88 -20.09
N LEU B 457 16.39 6.60 -18.81
CA LEU B 457 17.35 5.96 -17.91
C LEU B 457 17.79 4.56 -18.36
N THR B 458 16.81 3.68 -18.60
CA THR B 458 17.10 2.31 -19.00
C THR B 458 17.83 2.24 -20.34
N ARG B 459 17.38 3.03 -21.31
CA ARG B 459 18.02 3.04 -22.65
C ARG B 459 19.45 3.53 -22.56
N ALA B 460 19.70 4.53 -21.72
CA ALA B 460 21.04 5.08 -21.52
C ALA B 460 21.96 4.04 -20.89
N CYS B 461 21.50 3.45 -19.78
CA CYS B 461 22.27 2.44 -19.04
C CYS B 461 22.52 1.18 -19.85
N GLU B 462 21.59 0.85 -20.74
CA GLU B 462 21.69 -0.31 -21.62
C GLU B 462 22.83 -0.04 -22.61
N ALA B 463 22.94 1.21 -23.02
CA ALA B 463 23.99 1.63 -23.95
C ALA B 463 25.35 1.63 -23.29
N LEU B 464 25.38 2.03 -22.02
CA LEU B 464 26.61 2.09 -21.25
C LEU B 464 27.14 0.70 -20.88
N GLY B 465 26.32 -0.32 -21.07
CA GLY B 465 26.76 -1.68 -20.79
C GLY B 465 25.98 -2.52 -19.80
N ALA B 466 24.89 -1.98 -19.25
CA ALA B 466 24.06 -2.72 -18.28
C ALA B 466 23.46 -3.98 -18.92
N GLY B 467 23.38 -5.05 -18.15
CA GLY B 467 22.85 -6.31 -18.68
C GLY B 467 21.47 -6.73 -18.20
N GLU B 468 20.96 -6.06 -17.18
CA GLU B 468 19.65 -6.37 -16.61
C GLU B 468 19.08 -5.15 -15.88
N ILE B 469 17.74 -5.05 -15.85
CA ILE B 469 17.03 -3.98 -15.18
C ILE B 469 16.18 -4.54 -14.03
N LEU B 470 16.42 -4.04 -12.83
CA LEU B 470 15.63 -4.36 -11.68
C LEU B 470 14.61 -3.21 -11.60
N LEU B 471 13.40 -3.46 -12.10
CA LEU B 471 12.37 -2.44 -12.17
C LEU B 471 11.43 -2.38 -10.96
N ASN B 472 11.77 -1.52 -10.00
CA ASN B 472 10.95 -1.33 -8.81
C ASN B 472 9.90 -0.29 -9.17
N CYS B 473 9.00 -0.03 -8.24
CA CYS B 473 7.96 0.99 -8.39
C CYS B 473 7.64 1.44 -6.98
N ILE B 474 7.99 2.70 -6.70
CA ILE B 474 7.79 3.30 -5.38
C ILE B 474 6.35 3.25 -4.85
N ASP B 475 5.39 3.37 -5.77
CA ASP B 475 3.96 3.36 -5.44
C ASP B 475 3.42 1.99 -5.06
N LYS B 476 4.13 0.94 -5.51
CA LYS B 476 3.72 -0.43 -5.26
C LYS B 476 4.53 -1.13 -4.18
N ASP B 477 5.69 -0.56 -3.85
CA ASP B 477 6.61 -1.09 -2.84
C ASP B 477 5.90 -1.48 -1.53
N GLY B 478 5.99 -2.77 -1.19
CA GLY B 478 5.39 -3.31 0.01
C GLY B 478 3.89 -3.17 0.17
N SER B 479 3.18 -2.96 -0.95
CA SER B 479 1.72 -2.80 -0.95
C SER B 479 0.98 -4.12 -1.05
N ASN B 480 1.69 -5.20 -1.42
CA ASN B 480 1.11 -6.54 -1.61
C ASN B 480 -0.11 -6.53 -2.54
N SER B 481 -0.21 -5.51 -3.39
CA SER B 481 -1.33 -5.38 -4.32
C SER B 481 -1.02 -5.76 -5.78
N GLY B 482 0.17 -6.31 -6.01
CA GLY B 482 0.55 -6.72 -7.36
C GLY B 482 1.55 -5.78 -8.00
N TYR B 483 2.07 -6.15 -9.16
CA TYR B 483 3.06 -5.36 -9.89
C TYR B 483 2.41 -4.30 -10.78
N ASP B 484 3.16 -3.24 -11.07
CA ASP B 484 2.72 -2.16 -11.95
C ASP B 484 2.97 -2.70 -13.37
N LEU B 485 1.95 -3.38 -13.90
CA LEU B 485 2.00 -4.02 -15.22
C LEU B 485 2.37 -3.11 -16.40
N GLU B 486 1.80 -1.90 -16.44
CA GLU B 486 2.08 -0.98 -17.54
C GLU B 486 3.52 -0.49 -17.52
N LEU B 487 4.08 -0.31 -16.32
CA LEU B 487 5.47 0.12 -16.17
C LEU B 487 6.42 -0.93 -16.80
N ILE B 488 6.14 -2.20 -16.49
CA ILE B 488 6.91 -3.34 -17.00
C ILE B 488 6.92 -3.33 -18.52
N GLU B 489 5.73 -3.22 -19.12
CA GLU B 489 5.57 -3.19 -20.57
C GLU B 489 6.24 -1.97 -21.20
N HIS B 490 6.24 -0.85 -20.46
CA HIS B 490 6.83 0.40 -20.92
C HIS B 490 8.35 0.28 -21.04
N VAL B 491 8.96 -0.40 -20.06
CA VAL B 491 10.41 -0.59 -20.05
C VAL B 491 10.82 -1.67 -21.08
N LYS B 492 9.96 -2.69 -21.23
CA LYS B 492 10.20 -3.77 -22.20
C LYS B 492 10.16 -3.27 -23.66
N ASP B 493 9.49 -2.13 -23.85
CA ASP B 493 9.40 -1.48 -25.17
C ASP B 493 10.68 -0.67 -25.39
N ALA B 494 11.28 -0.24 -24.30
CA ALA B 494 12.49 0.60 -24.31
C ALA B 494 13.84 -0.10 -24.49
N VAL B 495 14.04 -1.24 -23.84
CA VAL B 495 15.31 -1.95 -23.89
C VAL B 495 15.25 -3.41 -24.35
N LYS B 496 16.42 -3.94 -24.69
CA LYS B 496 16.57 -5.33 -25.14
C LYS B 496 17.36 -6.18 -24.15
N ILE B 497 17.40 -5.73 -22.90
CA ILE B 497 18.06 -6.49 -21.84
C ILE B 497 16.94 -6.97 -20.91
N PRO B 498 17.15 -8.09 -20.20
CA PRO B 498 16.15 -8.66 -19.28
C PRO B 498 15.66 -7.63 -18.24
N VAL B 499 14.36 -7.62 -18.01
CA VAL B 499 13.74 -6.70 -17.05
C VAL B 499 13.08 -7.52 -15.94
N ILE B 500 13.44 -7.22 -14.69
CA ILE B 500 12.87 -7.89 -13.53
C ILE B 500 11.72 -7.08 -12.96
N ALA B 501 10.56 -7.72 -12.83
CA ALA B 501 9.36 -7.09 -12.26
C ALA B 501 9.53 -7.09 -10.74
N SER B 502 9.53 -5.89 -10.15
CA SER B 502 9.71 -5.73 -8.71
C SER B 502 8.71 -4.73 -8.13
N SER B 503 8.48 -4.85 -6.81
CA SER B 503 7.56 -4.01 -6.01
C SER B 503 6.08 -4.37 -6.15
N GLY B 504 5.45 -4.72 -5.03
CA GLY B 504 4.03 -5.03 -5.03
C GLY B 504 3.60 -6.47 -4.87
N ALA B 505 4.53 -7.43 -4.99
CA ALA B 505 4.22 -8.86 -4.87
C ALA B 505 3.65 -9.22 -3.51
N GLY B 506 2.49 -9.87 -3.50
CA GLY B 506 1.86 -10.26 -2.25
C GLY B 506 1.39 -11.70 -2.21
N VAL B 507 0.94 -12.22 -3.35
CA VAL B 507 0.44 -13.58 -3.46
C VAL B 507 0.92 -14.24 -4.76
N PRO B 508 0.97 -15.59 -4.79
CA PRO B 508 1.40 -16.34 -5.98
C PRO B 508 0.76 -15.89 -7.29
N GLU B 509 -0.52 -15.47 -7.21
CA GLU B 509 -1.28 -15.01 -8.37
C GLU B 509 -0.65 -13.80 -9.07
N HIS B 510 0.06 -12.98 -8.30
CA HIS B 510 0.74 -11.78 -8.81
C HIS B 510 1.87 -12.16 -9.76
N PHE B 511 2.59 -13.23 -9.42
CA PHE B 511 3.69 -13.72 -10.25
C PHE B 511 3.12 -14.23 -11.56
N GLU B 512 2.02 -14.97 -11.47
CA GLU B 512 1.35 -15.51 -12.66
C GLU B 512 0.88 -14.36 -13.56
N GLU B 513 0.31 -13.32 -12.94
CA GLU B 513 -0.19 -12.15 -13.66
C GLU B 513 0.93 -11.48 -14.45
N ALA B 514 2.07 -11.26 -13.81
CA ALA B 514 3.23 -10.64 -14.44
C ALA B 514 3.76 -11.48 -15.61
N PHE B 515 3.85 -12.79 -15.41
CA PHE B 515 4.36 -13.70 -16.43
C PHE B 515 3.43 -13.95 -17.62
N LEU B 516 2.13 -13.74 -17.43
CA LEU B 516 1.15 -13.95 -18.50
C LEU B 516 0.68 -12.67 -19.18
N LYS B 517 0.55 -11.60 -18.40
CA LYS B 517 0.08 -10.32 -18.93
C LYS B 517 1.18 -9.37 -19.37
N THR B 518 2.42 -9.66 -19.00
CA THR B 518 3.55 -8.83 -19.39
C THR B 518 4.69 -9.69 -19.90
N ARG B 519 5.73 -9.02 -20.40
CA ARG B 519 6.91 -9.67 -20.93
C ARG B 519 8.04 -9.70 -19.90
N ALA B 520 7.69 -9.52 -18.63
CA ALA B 520 8.67 -9.54 -17.53
C ALA B 520 9.56 -10.77 -17.62
N ASP B 521 10.86 -10.57 -17.47
CA ASP B 521 11.84 -11.67 -17.57
C ASP B 521 12.11 -12.35 -16.23
N ALA B 522 11.50 -11.83 -15.16
CA ALA B 522 11.65 -12.38 -13.82
C ALA B 522 10.77 -11.62 -12.84
N CYS B 523 10.58 -12.19 -11.67
CA CYS B 523 9.78 -11.58 -10.61
C CYS B 523 10.54 -11.63 -9.31
N LEU B 524 10.58 -10.49 -8.63
CA LEU B 524 11.27 -10.36 -7.36
C LEU B 524 10.26 -10.08 -6.27
N GLY B 525 10.57 -10.57 -5.07
CA GLY B 525 9.72 -10.37 -3.93
C GLY B 525 10.56 -10.19 -2.68
N ALA B 526 10.13 -9.28 -1.81
CA ALA B 526 10.85 -9.02 -0.55
C ALA B 526 9.92 -9.30 0.63
N GLY B 527 9.02 -8.36 0.91
CA GLY B 527 8.09 -8.48 2.02
C GLY B 527 7.37 -9.80 2.23
N MET B 528 6.71 -10.32 1.19
CA MET B 528 5.95 -11.57 1.30
C MET B 528 6.78 -12.79 1.72
N PHE B 529 8.05 -12.82 1.33
CA PHE B 529 8.96 -13.92 1.67
C PHE B 529 9.56 -13.71 3.05
N HIS B 530 9.83 -12.45 3.37
CA HIS B 530 10.40 -12.05 4.66
C HIS B 530 9.50 -12.28 5.81
N ARG B 531 8.28 -11.91 5.57
CA ARG B 531 7.29 -12.04 6.57
C ARG B 531 6.88 -13.52 6.75
N GLY B 532 7.06 -14.41 5.71
CA GLY B 532 6.74 -15.85 5.77
C GLY B 532 5.28 -16.18 5.46
N GLU B 533 4.68 -15.40 4.54
CA GLU B 533 3.28 -15.57 4.18
C GLU B 533 3.16 -16.57 3.07
N PHE B 534 4.27 -16.68 2.43
CA PHE B 534 4.43 -17.66 1.41
C PHE B 534 5.93 -17.85 1.28
N THR B 535 6.31 -18.98 0.76
CA THR B 535 7.71 -19.29 0.51
C THR B 535 7.87 -19.20 -1.00
N VAL B 536 9.10 -19.32 -1.49
CA VAL B 536 9.33 -19.27 -2.93
C VAL B 536 8.69 -20.50 -3.55
N ASN B 537 8.78 -21.62 -2.83
CA ASN B 537 8.19 -22.88 -3.31
C ASN B 537 6.67 -22.80 -3.43
N ASP B 538 6.01 -22.04 -2.54
CA ASP B 538 4.55 -21.86 -2.60
C ASP B 538 4.18 -21.18 -3.91
N VAL B 539 4.97 -20.16 -4.27
CA VAL B 539 4.76 -19.40 -5.52
C VAL B 539 4.99 -20.31 -6.71
N LYS B 540 6.07 -21.10 -6.64
CA LYS B 540 6.44 -22.03 -7.70
C LYS B 540 5.39 -23.13 -7.92
N GLU B 541 4.86 -23.68 -6.82
CA GLU B 541 3.83 -24.71 -6.87
C GLU B 541 2.61 -24.23 -7.63
N TYR B 542 2.23 -22.99 -7.35
CA TYR B 542 1.08 -22.35 -7.99
C TYR B 542 1.32 -22.16 -9.49
N LEU B 543 2.49 -21.63 -9.85
CA LEU B 543 2.86 -21.38 -11.25
C LEU B 543 2.91 -22.70 -12.03
N LEU B 544 3.47 -23.72 -11.37
CA LEU B 544 3.61 -25.06 -11.94
C LEU B 544 2.22 -25.66 -12.19
N GLU B 545 1.31 -25.37 -11.27
CA GLU B 545 -0.07 -25.83 -11.32
C GLU B 545 -0.85 -25.14 -12.46
N HIS B 546 -0.34 -23.99 -12.91
CA HIS B 546 -0.96 -23.24 -13.99
C HIS B 546 -0.24 -23.35 -15.33
N GLY B 547 0.58 -24.38 -15.45
CA GLY B 547 1.30 -24.65 -16.69
C GLY B 547 2.59 -23.93 -17.01
N LEU B 548 3.11 -23.15 -16.06
CA LEU B 548 4.36 -22.42 -16.26
C LEU B 548 5.54 -23.29 -15.84
N LYS B 549 6.69 -23.05 -16.44
CA LYS B 549 7.91 -23.81 -16.13
C LYS B 549 8.69 -23.09 -15.05
N VAL B 550 9.05 -23.84 -14.01
CA VAL B 550 9.82 -23.29 -12.90
C VAL B 550 10.86 -24.30 -12.45
N ARG B 551 11.93 -23.79 -11.85
CA ARG B 551 13.00 -24.65 -11.33
C ARG B 551 12.51 -25.32 -10.05
N MET B 552 12.69 -26.63 -10.00
CA MET B 552 12.30 -27.45 -8.85
C MET B 552 13.44 -28.44 -8.67
N ASP B 553 14.37 -28.08 -7.77
CA ASP B 553 15.55 -28.89 -7.51
C ASP B 553 15.68 -29.19 -6.01
#